data_2E7Q
#
_entry.id   2E7Q
#
_cell.length_a   157.410
_cell.length_b   90.545
_cell.length_c   73.324
_cell.angle_alpha   90.00
_cell.angle_beta   90.00
_cell.angle_gamma   90.00
#
_symmetry.space_group_name_H-M   'P 21 21 2'
#
loop_
_entity.id
_entity.type
_entity.pdbx_description
1 polymer 'Basic agglutinin'
2 branched alpha-L-fucopyranose-(1-3)-[2-acetamido-2-deoxy-beta-D-glucopyranose-(1-4)]2-acetamido-2-deoxy-beta-D-glucopyranose
3 branched alpha-D-galactopyranose-(1-3)-beta-D-galactopyranose-(1-4)-alpha-D-glucopyranose
4 branched alpha-L-fucopyranose-(1-3)-[2-acetamido-2-deoxy-alpha-D-glucopyranose-(1-4)]2-acetamido-2-deoxy-beta-D-glucopyranose
5 branched 2-acetamido-2-deoxy-beta-D-glucopyranose-(1-4)-2-acetamido-2-deoxy-beta-D-glucopyranose
6 non-polymer 'CALCIUM ION'
7 non-polymer 'MANGANESE (II) ION'
8 water water
#
_entity_poly.entity_id   1
_entity_poly.type   'polypeptide(L)'
_entity_poly.pdbx_seq_one_letter_code
;KTISFNFNQFHQNEEQLKLQRDARISSNSVLELTKVVNGVPTWNSTGRALYAKPVQVWDSTTGNVASFETRFSFSIRQPF
PRPHPADGLVFFIAPPNTQTGEGGGYFGIYNPLSPYPFVAVEFDTFRNTWDPQIPHIGIDVNSVISTKTVPFTLDNGGIA
NVVIKYDASTKILHVVLVFPSLGTIYTIADIVDLKQVLPESVNVGFSAATGDPSGKQRNATETHDILSWSFSASLPG
;
_entity_poly.pdbx_strand_id   A,B,C,D
#
loop_
_chem_comp.id
_chem_comp.type
_chem_comp.name
_chem_comp.formula
CA non-polymer 'CALCIUM ION' 'Ca 2'
FUC L-saccharide, alpha linking alpha-L-fucopyranose 'C6 H12 O5'
GAL D-saccharide, beta linking beta-D-galactopyranose 'C6 H12 O6'
GLA D-saccharide, alpha linking alpha-D-galactopyranose 'C6 H12 O6'
GLC D-saccharide, alpha linking alpha-D-glucopyranose 'C6 H12 O6'
MN non-polymer 'MANGANESE (II) ION' 'Mn 2'
NAG D-saccharide, beta linking 2-acetamido-2-deoxy-beta-D-glucopyranose 'C8 H15 N O6'
NDG D-saccharide, alpha linking 2-acetamido-2-deoxy-alpha-D-glucopyranose 'C8 H15 N O6'
#
# COMPACT_ATOMS: atom_id res chain seq x y z
N LYS A 1 5.60 -14.30 -14.86
CA LYS A 1 5.62 -13.40 -16.05
C LYS A 1 6.68 -12.32 -15.86
N THR A 2 7.86 -12.58 -16.42
CA THR A 2 9.00 -11.67 -16.35
C THR A 2 9.60 -11.47 -17.73
N ILE A 3 9.68 -10.23 -18.16
CA ILE A 3 10.27 -9.90 -19.44
C ILE A 3 11.56 -9.14 -19.12
N SER A 4 12.53 -9.20 -20.02
CA SER A 4 13.77 -8.48 -19.77
C SER A 4 14.74 -8.47 -20.95
N PHE A 5 15.46 -7.38 -21.11
CA PHE A 5 16.43 -7.25 -22.17
C PHE A 5 17.58 -6.37 -21.74
N ASN A 6 18.73 -6.58 -22.37
CA ASN A 6 19.94 -5.85 -22.06
C ASN A 6 20.75 -5.55 -23.32
N PHE A 7 21.21 -4.31 -23.42
CA PHE A 7 22.03 -3.86 -24.55
C PHE A 7 23.25 -3.24 -23.90
N ASN A 8 24.41 -3.88 -24.03
CA ASN A 8 25.62 -3.32 -23.47
C ASN A 8 26.17 -2.33 -24.47
N GLN A 9 25.53 -2.28 -25.63
CA GLN A 9 25.91 -1.39 -26.71
C GLN A 9 24.90 -1.63 -27.81
N PHE A 10 24.89 -0.78 -28.82
CA PHE A 10 23.94 -0.92 -29.91
C PHE A 10 24.64 -1.19 -31.22
N HIS A 11 23.99 -1.98 -32.08
CA HIS A 11 24.55 -2.34 -33.38
C HIS A 11 23.70 -1.89 -34.55
N GLN A 12 24.34 -1.68 -35.70
CA GLN A 12 23.65 -1.25 -36.91
C GLN A 12 22.36 -2.07 -37.06
N ASN A 13 21.24 -1.37 -37.24
CA ASN A 13 19.95 -2.02 -37.37
C ASN A 13 19.82 -3.30 -36.54
N GLU A 14 19.39 -3.10 -35.29
CA GLU A 14 19.18 -4.18 -34.33
C GLU A 14 17.76 -4.71 -34.53
N GLU A 15 17.57 -6.03 -34.33
CA GLU A 15 16.25 -6.64 -34.51
C GLU A 15 15.18 -6.11 -33.55
N GLN A 16 15.54 -6.00 -32.29
CA GLN A 16 14.60 -5.58 -31.26
C GLN A 16 14.44 -4.10 -30.97
N LEU A 17 14.83 -3.25 -31.91
CA LEU A 17 14.68 -1.81 -31.70
C LEU A 17 13.96 -1.16 -32.86
N LYS A 18 13.02 -0.29 -32.54
CA LYS A 18 12.30 0.43 -33.58
C LYS A 18 12.84 1.85 -33.53
N LEU A 19 13.57 2.24 -34.56
CA LEU A 19 14.10 3.58 -34.62
C LEU A 19 13.08 4.43 -35.38
N GLN A 20 12.88 5.67 -34.96
CA GLN A 20 11.93 6.55 -35.64
C GLN A 20 12.53 7.90 -35.91
N ARG A 21 12.16 8.47 -37.06
CA ARG A 21 12.63 9.77 -37.48
C ARG A 21 14.15 9.83 -37.54
N ASP A 22 14.75 10.83 -36.89
CA ASP A 22 16.20 11.00 -36.94
C ASP A 22 17.05 10.01 -36.16
N ALA A 23 16.43 9.16 -35.35
CA ALA A 23 17.21 8.20 -34.56
C ALA A 23 18.00 7.23 -35.43
N ARG A 24 19.29 7.11 -35.13
CA ARG A 24 20.17 6.22 -35.85
C ARG A 24 21.21 5.62 -34.89
N ILE A 25 21.86 4.55 -35.33
CA ILE A 25 22.88 3.90 -34.52
C ILE A 25 24.25 4.12 -35.16
N SER A 26 25.12 4.85 -34.49
CA SER A 26 26.45 5.15 -35.01
C SER A 26 27.25 3.88 -35.23
N SER A 27 28.28 3.99 -36.07
CA SER A 27 29.12 2.83 -36.38
C SER A 27 29.90 2.34 -35.17
N ASN A 28 30.12 3.20 -34.19
CA ASN A 28 30.86 2.76 -33.03
C ASN A 28 29.96 2.44 -31.83
N SER A 29 28.77 1.94 -32.16
CA SER A 29 27.84 1.48 -31.15
C SER A 29 26.95 2.34 -30.31
N VAL A 30 26.99 3.66 -30.43
CA VAL A 30 26.09 4.45 -29.61
C VAL A 30 24.78 4.75 -30.34
N LEU A 31 23.72 4.93 -29.57
CA LEU A 31 22.40 5.24 -30.11
C LEU A 31 22.22 6.75 -30.11
N GLU A 32 22.21 7.35 -31.30
CA GLU A 32 22.05 8.79 -31.42
C GLU A 32 20.60 9.13 -31.72
N LEU A 33 19.89 9.60 -30.70
CA LEU A 33 18.49 9.96 -30.83
C LEU A 33 18.27 11.10 -31.78
N THR A 34 19.10 12.13 -31.68
CA THR A 34 18.97 13.28 -32.55
C THR A 34 20.13 13.39 -33.53
N LYS A 35 19.90 14.12 -34.62
CA LYS A 35 20.87 14.29 -35.69
C LYS A 35 22.22 14.87 -35.28
N VAL A 36 23.29 14.33 -35.85
CA VAL A 36 24.65 14.81 -35.59
C VAL A 36 25.40 14.61 -36.92
N VAL A 37 25.72 15.69 -37.62
CA VAL A 37 26.44 15.56 -38.89
C VAL A 37 27.88 16.06 -38.79
N ASN A 38 28.83 15.17 -39.05
CA ASN A 38 30.24 15.51 -39.00
C ASN A 38 30.62 15.96 -37.59
N GLY A 39 30.20 15.18 -36.59
CA GLY A 39 30.52 15.50 -35.20
C GLY A 39 29.83 16.73 -34.63
N VAL A 40 28.86 17.27 -35.36
CA VAL A 40 28.17 18.46 -34.87
C VAL A 40 26.67 18.26 -34.84
N PRO A 41 26.03 18.50 -33.67
CA PRO A 41 24.58 18.34 -33.56
C PRO A 41 23.85 19.46 -34.27
N THR A 42 22.77 19.12 -34.97
CA THR A 42 22.00 20.13 -35.67
C THR A 42 20.67 20.37 -34.98
N TRP A 43 20.02 21.46 -35.34
CA TRP A 43 18.74 21.80 -34.74
C TRP A 43 17.64 21.12 -35.55
N ASN A 44 16.39 21.42 -35.24
CA ASN A 44 15.25 20.87 -35.96
C ASN A 44 15.35 19.35 -36.10
N SER A 45 15.80 18.68 -35.04
CA SER A 45 15.91 17.22 -35.06
C SER A 45 15.09 16.57 -33.97
N THR A 46 14.53 15.41 -34.29
CA THR A 46 13.72 14.65 -33.36
C THR A 46 13.82 13.18 -33.72
N GLY A 47 14.02 12.34 -32.71
CA GLY A 47 14.14 10.91 -32.95
C GLY A 47 13.80 10.09 -31.72
N ARG A 48 13.34 8.86 -31.94
CA ARG A 48 12.97 7.97 -30.86
C ARG A 48 13.44 6.57 -31.15
N ALA A 49 13.58 5.77 -30.10
CA ALA A 49 13.98 4.37 -30.21
C ALA A 49 13.03 3.64 -29.26
N LEU A 50 12.35 2.63 -29.78
CA LEU A 50 11.41 1.87 -28.96
C LEU A 50 11.87 0.43 -28.96
N TYR A 51 11.53 -0.32 -27.92
CA TYR A 51 11.89 -1.73 -27.89
C TYR A 51 10.86 -2.40 -28.80
N ALA A 52 11.35 -3.13 -29.78
CA ALA A 52 10.51 -3.83 -30.77
C ALA A 52 9.23 -4.46 -30.25
N LYS A 53 9.33 -5.23 -29.18
CA LYS A 53 8.14 -5.90 -28.64
C LYS A 53 7.40 -5.12 -27.57
N PRO A 54 6.08 -5.34 -27.43
CA PRO A 54 5.29 -4.64 -26.42
C PRO A 54 5.45 -5.32 -25.08
N VAL A 55 5.37 -4.55 -23.99
CA VAL A 55 5.47 -5.14 -22.67
C VAL A 55 4.15 -4.92 -21.96
N GLN A 56 3.78 -5.86 -21.10
CA GLN A 56 2.53 -5.76 -20.38
C GLN A 56 2.72 -5.20 -18.98
N VAL A 57 2.27 -3.97 -18.76
CA VAL A 57 2.42 -3.36 -17.45
C VAL A 57 1.34 -3.74 -16.45
N TRP A 58 0.22 -4.27 -16.95
CA TRP A 58 -0.85 -4.73 -16.06
C TRP A 58 -1.84 -5.64 -16.76
N ASP A 59 -2.49 -6.49 -15.96
CA ASP A 59 -3.47 -7.45 -16.46
C ASP A 59 -4.84 -7.11 -15.91
N SER A 60 -5.78 -6.83 -16.82
CA SER A 60 -7.12 -6.48 -16.41
C SER A 60 -7.90 -7.66 -15.81
N THR A 61 -7.40 -8.87 -16.03
CA THR A 61 -8.06 -10.05 -15.48
C THR A 61 -7.78 -10.17 -13.98
N THR A 62 -6.52 -10.04 -13.59
CA THR A 62 -6.13 -10.13 -12.18
C THR A 62 -6.13 -8.77 -11.49
N GLY A 63 -6.06 -7.71 -12.29
CA GLY A 63 -6.02 -6.36 -11.71
C GLY A 63 -4.62 -5.98 -11.27
N ASN A 64 -3.71 -6.95 -11.32
CA ASN A 64 -2.30 -6.76 -10.94
C ASN A 64 -1.51 -5.81 -11.84
N VAL A 65 -0.60 -5.06 -11.22
CA VAL A 65 0.26 -4.16 -11.98
C VAL A 65 1.71 -4.59 -11.85
N ALA A 66 2.45 -4.48 -12.95
CA ALA A 66 3.84 -4.88 -12.97
C ALA A 66 4.77 -3.90 -12.29
N SER A 67 5.87 -4.42 -11.76
CA SER A 67 6.88 -3.58 -11.15
C SER A 67 8.01 -3.67 -12.13
N PHE A 68 8.82 -2.63 -12.23
CA PHE A 68 9.93 -2.71 -13.17
C PHE A 68 11.12 -1.84 -12.78
N GLU A 69 12.25 -2.20 -13.37
CA GLU A 69 13.51 -1.51 -13.14
C GLU A 69 14.18 -1.39 -14.51
N THR A 70 14.70 -0.21 -14.82
CA THR A 70 15.38 -0.03 -16.08
C THR A 70 16.58 0.86 -15.82
N ARG A 71 17.69 0.51 -16.42
CA ARG A 71 18.93 1.26 -16.25
C ARG A 71 19.51 1.59 -17.62
N PHE A 72 20.03 2.79 -17.73
CA PHE A 72 20.65 3.20 -18.99
C PHE A 72 21.69 4.28 -18.75
N SER A 73 22.56 4.46 -19.73
CA SER A 73 23.58 5.48 -19.65
C SER A 73 23.46 6.35 -20.88
N PHE A 74 23.51 7.66 -20.68
CA PHE A 74 23.39 8.57 -21.80
C PHE A 74 24.47 9.62 -21.71
N SER A 75 24.59 10.41 -22.75
CA SER A 75 25.55 11.48 -22.77
C SER A 75 24.98 12.61 -23.59
N ILE A 76 25.07 13.82 -23.05
CA ILE A 76 24.60 15.01 -23.72
C ILE A 76 25.78 15.96 -23.84
N ARG A 77 26.21 16.20 -25.07
CA ARG A 77 27.31 17.13 -25.30
C ARG A 77 26.72 18.40 -25.86
N GLN A 78 27.03 19.52 -25.21
CA GLN A 78 26.54 20.83 -25.63
C GLN A 78 27.70 21.66 -26.17
N PRO A 79 27.91 21.62 -27.50
CA PRO A 79 28.99 22.35 -28.17
C PRO A 79 28.83 23.86 -28.15
N PHE A 80 27.60 24.35 -28.18
CA PHE A 80 27.37 25.79 -28.20
C PHE A 80 26.70 26.32 -26.94
N PRO A 81 27.47 26.92 -26.04
CA PRO A 81 26.91 27.46 -24.80
C PRO A 81 25.89 28.57 -24.98
N ARG A 82 26.09 29.43 -25.97
CA ARG A 82 25.17 30.54 -26.22
C ARG A 82 24.44 30.36 -27.55
N PRO A 83 23.15 30.72 -27.60
CA PRO A 83 22.32 31.30 -26.55
C PRO A 83 21.71 30.27 -25.60
N HIS A 84 21.54 29.04 -26.04
CA HIS A 84 20.94 28.03 -25.16
C HIS A 84 20.72 26.65 -25.78
N PRO A 85 21.23 25.61 -25.12
CA PRO A 85 21.05 24.25 -25.65
C PRO A 85 19.60 23.83 -25.53
N ALA A 86 19.19 22.83 -26.32
CA ALA A 86 17.81 22.35 -26.29
C ALA A 86 17.73 21.04 -27.08
N ASP A 87 16.76 20.18 -26.78
CA ASP A 87 15.78 20.40 -25.71
C ASP A 87 15.91 19.40 -24.57
N GLY A 88 16.42 18.21 -24.89
CA GLY A 88 16.58 17.19 -23.88
C GLY A 88 16.09 15.85 -24.35
N LEU A 89 16.18 14.85 -23.48
CA LEU A 89 15.75 13.49 -23.83
C LEU A 89 14.86 12.93 -22.74
N VAL A 90 14.11 11.90 -23.09
CA VAL A 90 13.24 11.27 -22.12
C VAL A 90 13.17 9.77 -22.32
N PHE A 91 12.82 9.09 -21.24
CA PHE A 91 12.61 7.65 -21.26
C PHE A 91 11.10 7.62 -21.11
N PHE A 92 10.40 6.83 -21.92
CA PHE A 92 8.97 6.83 -21.78
C PHE A 92 8.28 5.49 -21.99
N ILE A 93 7.05 5.43 -21.50
CA ILE A 93 6.19 4.26 -21.62
C ILE A 93 4.96 4.83 -22.29
N ALA A 94 4.46 4.14 -23.30
CA ALA A 94 3.30 4.62 -24.03
C ALA A 94 2.55 3.49 -24.71
N PRO A 95 1.35 3.79 -25.24
CA PRO A 95 0.57 2.74 -25.92
C PRO A 95 1.39 2.27 -27.10
N PRO A 96 1.20 1.03 -27.51
CA PRO A 96 2.00 0.56 -28.64
C PRO A 96 1.59 1.21 -29.95
N ASN A 97 2.52 1.21 -30.89
CA ASN A 97 2.29 1.75 -32.21
C ASN A 97 2.05 3.26 -32.32
N THR A 98 2.68 4.07 -31.49
CA THR A 98 2.50 5.52 -31.58
C THR A 98 3.51 6.07 -32.59
N GLN A 99 3.27 7.28 -33.07
CA GLN A 99 4.13 7.94 -34.02
C GLN A 99 4.80 9.13 -33.32
N THR A 100 6.03 9.45 -33.71
CA THR A 100 6.73 10.59 -33.13
C THR A 100 5.80 11.80 -33.04
N GLY A 101 5.82 12.48 -31.90
CA GLY A 101 4.98 13.64 -31.73
C GLY A 101 5.74 14.91 -32.08
N GLU A 102 5.27 16.03 -31.56
CA GLU A 102 5.87 17.34 -31.80
C GLU A 102 7.30 17.36 -31.24
N GLY A 103 8.19 18.11 -31.85
CA GLY A 103 9.54 18.18 -31.37
C GLY A 103 9.72 19.24 -30.32
N GLY A 104 10.86 19.92 -30.32
CA GLY A 104 11.13 20.96 -29.35
C GLY A 104 10.91 20.56 -27.90
N GLY A 105 10.22 21.43 -27.16
CA GLY A 105 9.96 21.16 -25.76
C GLY A 105 9.01 20.00 -25.52
N TYR A 106 8.59 19.33 -26.59
CA TYR A 106 7.69 18.20 -26.45
C TYR A 106 8.43 16.87 -26.58
N PHE A 107 9.74 16.96 -26.76
CA PHE A 107 10.61 15.80 -26.85
C PHE A 107 10.20 14.75 -27.87
N GLY A 108 9.14 15.02 -28.62
CA GLY A 108 8.69 14.06 -29.60
C GLY A 108 7.73 13.03 -29.04
N ILE A 109 7.22 13.26 -27.83
CA ILE A 109 6.28 12.31 -27.24
C ILE A 109 4.87 12.87 -27.12
N TYR A 110 4.73 14.18 -27.26
CA TYR A 110 3.42 14.78 -27.18
C TYR A 110 2.93 15.24 -28.55
N ASN A 111 1.70 14.85 -28.89
CA ASN A 111 1.10 15.21 -30.16
C ASN A 111 -0.21 15.96 -29.90
N PRO A 112 -0.17 17.30 -29.94
CA PRO A 112 -1.35 18.14 -29.72
C PRO A 112 -2.57 17.68 -30.50
N LEU A 113 -2.36 17.21 -31.73
CA LEU A 113 -3.50 16.78 -32.54
C LEU A 113 -4.10 15.45 -32.15
N SER A 114 -3.26 14.50 -31.77
CA SER A 114 -3.74 13.19 -31.38
C SER A 114 -3.00 12.76 -30.13
N PRO A 115 -3.48 13.21 -28.96
CA PRO A 115 -2.81 12.84 -27.70
C PRO A 115 -2.96 11.37 -27.35
N TYR A 116 -1.95 10.84 -26.68
CA TYR A 116 -1.98 9.47 -26.22
C TYR A 116 -1.30 9.53 -24.88
N PRO A 117 -1.80 8.77 -23.91
CA PRO A 117 -1.19 8.80 -22.59
C PRO A 117 0.24 8.28 -22.64
N PHE A 118 1.03 8.65 -21.64
CA PHE A 118 2.43 8.23 -21.56
C PHE A 118 2.97 8.61 -20.20
N VAL A 119 3.93 7.82 -19.71
CA VAL A 119 4.57 8.12 -18.44
C VAL A 119 6.00 8.34 -18.86
N ALA A 120 6.62 9.40 -18.36
CA ALA A 120 7.98 9.68 -18.77
C ALA A 120 8.90 10.30 -17.73
N VAL A 121 10.18 10.07 -17.92
CA VAL A 121 11.19 10.65 -17.06
C VAL A 121 12.01 11.50 -18.05
N GLU A 122 12.03 12.80 -17.81
CA GLU A 122 12.73 13.69 -18.72
C GLU A 122 13.97 14.36 -18.15
N PHE A 123 14.89 14.67 -19.04
CA PHE A 123 16.13 15.36 -18.69
C PHE A 123 16.05 16.56 -19.62
N ASP A 124 15.40 17.60 -19.11
CA ASP A 124 15.12 18.84 -19.81
C ASP A 124 16.28 19.79 -19.73
N THR A 125 16.76 20.23 -20.89
CA THR A 125 17.90 21.12 -20.96
C THR A 125 17.61 22.51 -21.53
N PHE A 126 16.34 22.83 -21.70
CA PHE A 126 15.87 24.11 -22.23
C PHE A 126 14.65 24.56 -21.43
N ARG A 127 14.54 25.85 -21.18
CA ARG A 127 13.41 26.32 -20.39
C ARG A 127 12.26 26.92 -21.18
N ASN A 128 11.19 26.15 -21.28
CA ASN A 128 9.98 26.60 -21.95
C ASN A 128 9.19 27.36 -20.89
N THR A 129 8.05 27.92 -21.26
CA THR A 129 7.26 28.70 -20.31
C THR A 129 6.72 27.90 -19.13
N TRP A 130 6.56 26.60 -19.32
CA TRP A 130 6.05 25.72 -18.26
C TRP A 130 7.16 25.08 -17.45
N ASP A 131 8.41 25.33 -17.83
CA ASP A 131 9.56 24.76 -17.15
C ASP A 131 10.17 25.57 -16.04
N PRO A 132 10.66 24.89 -15.00
CA PRO A 132 11.31 25.59 -13.89
C PRO A 132 12.78 25.70 -14.35
N GLN A 133 13.67 26.11 -13.46
CA GLN A 133 15.10 26.22 -13.81
C GLN A 133 15.58 24.96 -14.55
N ILE A 134 16.59 25.09 -15.40
CA ILE A 134 17.13 23.92 -16.10
C ILE A 134 18.66 23.85 -15.92
N PRO A 135 19.26 22.66 -16.09
CA PRO A 135 18.61 21.39 -16.42
C PRO A 135 17.86 20.85 -15.23
N HIS A 136 16.92 19.95 -15.48
CA HIS A 136 16.17 19.32 -14.40
C HIS A 136 15.63 17.96 -14.79
N ILE A 137 15.48 17.10 -13.81
CA ILE A 137 14.90 15.79 -14.02
C ILE A 137 13.43 16.03 -13.76
N GLY A 138 12.56 15.44 -14.56
CA GLY A 138 11.14 15.65 -14.34
C GLY A 138 10.36 14.38 -14.57
N ILE A 139 9.27 14.21 -13.83
CA ILE A 139 8.43 13.05 -14.00
C ILE A 139 7.16 13.58 -14.65
N ASP A 140 6.89 13.09 -15.86
CA ASP A 140 5.74 13.53 -16.62
C ASP A 140 4.67 12.47 -16.79
N VAL A 141 3.41 12.89 -16.66
CA VAL A 141 2.29 11.99 -16.83
C VAL A 141 1.28 12.65 -17.79
N ASN A 142 1.21 12.14 -19.01
CA ASN A 142 0.30 12.66 -20.04
C ASN A 142 0.55 14.11 -20.39
N SER A 143 1.59 14.69 -19.83
CA SER A 143 1.89 16.08 -20.07
C SER A 143 3.37 16.35 -19.88
N VAL A 144 3.88 17.34 -20.62
CA VAL A 144 5.28 17.70 -20.49
C VAL A 144 5.44 18.65 -19.31
N ILE A 145 4.35 18.91 -18.59
CA ILE A 145 4.41 19.76 -17.41
C ILE A 145 4.57 18.83 -16.23
N SER A 146 5.83 18.58 -15.86
CA SER A 146 6.18 17.66 -14.79
C SER A 146 5.38 17.80 -13.50
N THR A 147 5.15 16.68 -12.85
CA THR A 147 4.42 16.63 -11.59
C THR A 147 5.44 16.92 -10.48
N LYS A 148 6.68 16.56 -10.75
CA LYS A 148 7.75 16.76 -9.78
C LYS A 148 9.04 17.01 -10.57
N THR A 149 9.86 17.94 -10.10
CA THR A 149 11.11 18.21 -10.78
C THR A 149 12.21 18.43 -9.77
N VAL A 150 13.44 18.24 -10.19
CA VAL A 150 14.59 18.46 -9.34
C VAL A 150 15.74 18.94 -10.23
N PRO A 151 16.42 20.01 -9.83
CA PRO A 151 17.51 20.49 -10.66
C PRO A 151 18.77 19.66 -10.57
N PHE A 152 19.59 19.73 -11.61
CA PHE A 152 20.85 19.00 -11.65
C PHE A 152 21.82 19.69 -12.60
N THR A 153 23.11 19.58 -12.31
CA THR A 153 24.16 20.17 -13.14
C THR A 153 24.66 19.07 -14.07
N LEU A 154 24.65 19.37 -15.35
CA LEU A 154 25.07 18.41 -16.37
C LEU A 154 26.57 18.30 -16.53
N ASP A 155 27.05 17.09 -16.79
CA ASP A 155 28.45 16.87 -17.03
C ASP A 155 28.54 16.89 -18.54
N ASN A 156 28.81 18.06 -19.10
CA ASN A 156 28.90 18.26 -20.55
C ASN A 156 29.76 17.19 -21.23
N GLY A 157 29.14 16.37 -22.07
CA GLY A 157 29.87 15.35 -22.78
C GLY A 157 30.28 14.16 -21.93
N GLY A 158 30.04 14.26 -20.62
CA GLY A 158 30.38 13.17 -19.72
C GLY A 158 29.31 12.08 -19.78
N ILE A 159 29.53 11.00 -19.05
CA ILE A 159 28.56 9.92 -19.04
C ILE A 159 27.66 10.05 -17.83
N ALA A 160 26.40 9.71 -18.01
CA ALA A 160 25.41 9.77 -16.94
C ALA A 160 24.76 8.41 -16.77
N ASN A 161 24.67 7.96 -15.52
CA ASN A 161 24.03 6.68 -15.20
C ASN A 161 22.67 6.95 -14.61
N VAL A 162 21.66 6.32 -15.17
CA VAL A 162 20.30 6.51 -14.70
C VAL A 162 19.71 5.18 -14.24
N VAL A 163 18.90 5.25 -13.18
CA VAL A 163 18.22 4.07 -12.67
C VAL A 163 16.78 4.47 -12.39
N ILE A 164 15.85 3.84 -13.09
CA ILE A 164 14.44 4.14 -12.89
C ILE A 164 13.83 2.87 -12.35
N LYS A 165 13.13 2.98 -11.24
CA LYS A 165 12.52 1.82 -10.63
C LYS A 165 11.08 2.11 -10.27
N TYR A 166 10.22 1.13 -10.52
CA TYR A 166 8.82 1.29 -10.21
C TYR A 166 8.32 0.14 -9.36
N ASP A 167 7.85 0.47 -8.17
CA ASP A 167 7.35 -0.53 -7.25
C ASP A 167 5.82 -0.44 -7.29
N ALA A 168 5.20 -1.48 -7.86
CA ALA A 168 3.75 -1.51 -7.99
C ALA A 168 3.00 -1.47 -6.67
N SER A 169 3.50 -2.18 -5.67
CA SER A 169 2.85 -2.22 -4.38
C SER A 169 2.75 -0.86 -3.71
N THR A 170 3.67 0.03 -3.99
CA THR A 170 3.62 1.35 -3.37
C THR A 170 3.29 2.42 -4.39
N LYS A 171 3.36 2.05 -5.66
CA LYS A 171 3.10 2.98 -6.76
C LYS A 171 4.18 4.03 -6.81
N ILE A 172 5.32 3.74 -6.21
CA ILE A 172 6.40 4.71 -6.22
C ILE A 172 7.31 4.56 -7.43
N LEU A 173 7.49 5.66 -8.17
CA LEU A 173 8.39 5.64 -9.31
C LEU A 173 9.57 6.49 -8.84
N HIS A 174 10.73 5.86 -8.61
CA HIS A 174 11.90 6.60 -8.20
C HIS A 174 13.02 6.51 -9.23
N VAL A 175 13.62 7.66 -9.52
CA VAL A 175 14.70 7.72 -10.48
C VAL A 175 15.96 8.25 -9.83
N VAL A 176 17.10 7.77 -10.31
CA VAL A 176 18.39 8.20 -9.79
C VAL A 176 19.29 8.57 -10.96
N LEU A 177 19.92 9.72 -10.83
CA LEU A 177 20.81 10.24 -11.87
C LEU A 177 22.20 10.41 -11.26
N VAL A 178 23.18 9.69 -11.81
CA VAL A 178 24.54 9.79 -11.31
C VAL A 178 25.55 10.13 -12.41
N PHE A 179 26.45 11.04 -12.08
CA PHE A 179 27.52 11.45 -12.99
C PHE A 179 28.80 10.95 -12.34
N PRO A 180 29.20 9.70 -12.62
CA PRO A 180 30.42 9.13 -12.04
C PRO A 180 31.66 10.02 -12.04
N SER A 181 31.89 10.77 -13.11
CA SER A 181 33.07 11.63 -13.14
C SER A 181 33.01 12.76 -12.13
N LEU A 182 31.82 13.22 -11.80
CA LEU A 182 31.67 14.29 -10.81
C LEU A 182 31.26 13.77 -9.44
N GLY A 183 30.93 12.48 -9.37
CA GLY A 183 30.52 11.89 -8.11
C GLY A 183 29.22 12.48 -7.58
N THR A 184 28.51 13.22 -8.42
CA THR A 184 27.26 13.82 -7.99
C THR A 184 26.08 12.86 -8.15
N ILE A 185 25.12 12.98 -7.23
CA ILE A 185 23.95 12.12 -7.23
C ILE A 185 22.68 12.95 -7.13
N TYR A 186 21.70 12.63 -7.97
CA TYR A 186 20.43 13.34 -7.95
C TYR A 186 19.32 12.31 -7.85
N THR A 187 18.31 12.60 -7.05
CA THR A 187 17.22 11.67 -6.88
C THR A 187 15.84 12.33 -6.86
N ILE A 188 14.86 11.65 -7.44
CA ILE A 188 13.50 12.17 -7.46
C ILE A 188 12.50 11.02 -7.47
N ALA A 189 11.35 11.24 -6.86
CA ALA A 189 10.34 10.18 -6.80
C ALA A 189 8.95 10.77 -6.70
N ASP A 190 7.96 10.03 -7.20
CA ASP A 190 6.58 10.47 -7.10
C ASP A 190 5.66 9.26 -7.22
N ILE A 191 4.40 9.45 -6.86
CA ILE A 191 3.42 8.38 -6.92
C ILE A 191 2.74 8.41 -8.27
N VAL A 192 2.71 7.25 -8.93
CA VAL A 192 2.10 7.15 -10.26
C VAL A 192 1.37 5.83 -10.35
N ASP A 193 0.13 5.86 -10.81
CA ASP A 193 -0.64 4.63 -10.93
C ASP A 193 -0.70 4.29 -12.41
N LEU A 194 0.19 3.41 -12.85
CA LEU A 194 0.24 3.04 -14.27
C LEU A 194 -1.10 2.50 -14.77
N LYS A 195 -1.73 1.65 -13.97
CA LYS A 195 -3.01 1.05 -14.28
C LYS A 195 -4.08 2.11 -14.54
N GLN A 196 -3.87 3.28 -13.95
CA GLN A 196 -4.78 4.39 -14.06
C GLN A 196 -4.59 5.23 -15.32
N VAL A 197 -3.39 5.26 -15.87
CA VAL A 197 -3.13 6.08 -17.04
C VAL A 197 -2.71 5.37 -18.32
N LEU A 198 -2.27 4.12 -18.21
CA LEU A 198 -1.82 3.40 -19.41
C LEU A 198 -2.59 2.12 -19.68
N PRO A 199 -2.55 1.64 -20.93
CA PRO A 199 -3.24 0.40 -21.30
C PRO A 199 -2.43 -0.80 -20.81
N GLU A 200 -2.98 -2.00 -20.92
CA GLU A 200 -2.28 -3.19 -20.45
C GLU A 200 -0.93 -3.44 -21.12
N SER A 201 -0.88 -3.27 -22.43
CA SER A 201 0.36 -3.46 -23.19
C SER A 201 0.88 -2.11 -23.62
N VAL A 202 2.19 -1.93 -23.58
CA VAL A 202 2.81 -0.66 -23.94
C VAL A 202 4.17 -0.85 -24.60
N ASN A 203 4.74 0.27 -25.03
CA ASN A 203 6.06 0.29 -25.63
C ASN A 203 6.93 1.11 -24.67
N VAL A 204 8.21 0.79 -24.59
CA VAL A 204 9.10 1.56 -23.74
C VAL A 204 10.22 2.03 -24.63
N GLY A 205 10.81 3.18 -24.32
CA GLY A 205 11.88 3.65 -25.15
C GLY A 205 12.37 5.04 -24.81
N PHE A 206 13.09 5.64 -25.75
CA PHE A 206 13.63 6.96 -25.56
C PHE A 206 13.17 7.89 -26.68
N SER A 207 13.22 9.19 -26.40
CA SER A 207 12.84 10.20 -27.36
C SER A 207 13.59 11.45 -26.99
N ALA A 208 14.10 12.16 -27.99
CA ALA A 208 14.86 13.38 -27.77
C ALA A 208 14.53 14.41 -28.85
N ALA A 209 15.02 15.62 -28.68
CA ALA A 209 14.77 16.67 -29.64
C ALA A 209 15.70 17.87 -29.44
N THR A 210 16.08 18.48 -30.56
CA THR A 210 16.93 19.66 -30.53
C THR A 210 16.09 20.89 -30.80
N GLY A 211 16.73 22.05 -30.73
CA GLY A 211 16.02 23.31 -30.94
C GLY A 211 15.06 23.33 -32.11
N ASP A 212 13.85 23.83 -31.85
CA ASP A 212 12.82 23.94 -32.88
C ASP A 212 13.15 25.16 -33.76
N PRO A 213 12.86 25.08 -35.06
CA PRO A 213 13.14 26.20 -35.97
C PRO A 213 12.48 27.53 -35.55
N SER A 214 11.28 27.44 -35.00
CA SER A 214 10.54 28.62 -34.57
C SER A 214 11.34 29.46 -33.58
N GLY A 215 12.31 28.84 -32.91
CA GLY A 215 13.14 29.55 -31.95
C GLY A 215 14.17 30.40 -32.66
N LYS A 216 14.30 30.17 -33.97
CA LYS A 216 15.24 30.90 -34.81
C LYS A 216 16.67 30.93 -34.29
N GLN A 217 17.08 29.83 -33.65
CA GLN A 217 18.43 29.73 -33.11
C GLN A 217 19.02 28.36 -33.45
N ARG A 218 19.90 28.34 -34.43
CA ARG A 218 20.54 27.10 -34.84
C ARG A 218 21.45 26.53 -33.75
N ASN A 219 21.92 27.39 -32.86
CA ASN A 219 22.80 26.93 -31.79
C ASN A 219 22.01 26.18 -30.74
N ALA A 220 20.70 26.35 -30.71
CA ALA A 220 19.84 25.67 -29.75
C ALA A 220 19.85 24.17 -30.04
N THR A 221 20.94 23.50 -29.71
CA THR A 221 21.07 22.08 -29.99
C THR A 221 22.09 21.40 -29.08
N GLU A 222 22.15 20.08 -29.18
CA GLU A 222 23.06 19.27 -28.38
C GLU A 222 22.88 17.83 -28.82
N THR A 223 23.67 16.93 -28.27
CA THR A 223 23.56 15.53 -28.65
C THR A 223 22.69 14.84 -27.61
N HIS A 224 22.16 13.69 -27.97
CA HIS A 224 21.32 12.91 -27.08
C HIS A 224 21.65 11.45 -27.33
N ASP A 225 22.81 11.04 -26.83
CA ASP A 225 23.25 9.67 -27.03
C ASP A 225 22.96 8.70 -25.90
N ILE A 226 22.50 7.50 -26.26
CA ILE A 226 22.24 6.46 -25.31
C ILE A 226 23.32 5.42 -25.51
N LEU A 227 24.10 5.15 -24.46
CA LEU A 227 25.20 4.21 -24.52
C LEU A 227 24.84 2.76 -24.25
N SER A 228 24.01 2.51 -23.26
CA SER A 228 23.61 1.15 -22.88
C SER A 228 22.21 1.16 -22.30
N TRP A 229 21.55 0.01 -22.28
CA TRP A 229 20.19 -0.01 -21.77
C TRP A 229 19.70 -1.40 -21.35
N SER A 230 19.21 -1.51 -20.12
CA SER A 230 18.68 -2.77 -19.63
C SER A 230 17.31 -2.51 -19.03
N PHE A 231 16.39 -3.46 -19.21
CA PHE A 231 15.02 -3.33 -18.72
C PHE A 231 14.54 -4.65 -18.15
N SER A 232 13.75 -4.58 -17.09
CA SER A 232 13.22 -5.77 -16.47
C SER A 232 11.85 -5.45 -15.88
N ALA A 233 10.87 -6.32 -16.13
CA ALA A 233 9.52 -6.12 -15.62
C ALA A 233 8.92 -7.43 -15.10
N SER A 234 8.17 -7.34 -14.01
CA SER A 234 7.55 -8.51 -13.41
C SER A 234 6.05 -8.31 -13.19
N LEU A 235 5.25 -9.18 -13.80
CA LEU A 235 3.81 -9.12 -13.63
C LEU A 235 3.38 -10.39 -12.88
N PRO A 236 3.09 -10.27 -11.57
CA PRO A 236 2.68 -11.40 -10.74
C PRO A 236 1.56 -12.17 -11.41
N GLY A 237 0.72 -11.43 -12.13
CA GLY A 237 -0.40 -12.06 -12.82
C GLY A 237 -0.04 -13.38 -13.51
N LYS B 1 10.67 25.96 11.16
CA LYS B 1 11.91 26.61 10.65
C LYS B 1 12.73 25.67 9.74
N THR B 2 14.06 25.85 9.75
CA THR B 2 14.94 25.04 8.92
C THR B 2 16.33 24.83 9.52
N ILE B 3 16.55 23.65 10.09
CA ILE B 3 17.84 23.30 10.67
C ILE B 3 18.71 22.60 9.61
N SER B 4 20.01 22.54 9.87
CA SER B 4 20.94 21.88 8.95
C SER B 4 22.37 21.98 9.47
N PHE B 5 23.08 20.86 9.44
CA PHE B 5 24.46 20.83 9.89
C PHE B 5 25.23 20.01 8.88
N ASN B 6 26.54 19.92 9.08
CA ASN B 6 27.34 19.19 8.12
C ASN B 6 28.79 19.01 8.58
N PHE B 7 29.23 17.76 8.63
CA PHE B 7 30.58 17.41 9.05
C PHE B 7 31.34 16.87 7.85
N ASN B 8 32.40 17.56 7.42
CA ASN B 8 33.19 17.09 6.30
C ASN B 8 34.20 16.09 6.81
N GLN B 9 34.31 16.03 8.13
CA GLN B 9 35.18 15.08 8.82
C GLN B 9 34.92 15.19 10.31
N PHE B 10 35.52 14.31 11.10
CA PHE B 10 35.29 14.34 12.54
C PHE B 10 36.52 14.68 13.36
N HIS B 11 36.30 15.47 14.41
CA HIS B 11 37.39 15.87 15.28
C HIS B 11 37.22 15.09 16.57
N GLN B 12 38.34 14.69 17.17
CA GLN B 12 38.30 13.94 18.41
C GLN B 12 37.51 14.77 19.38
N ASN B 13 36.55 14.14 20.06
CA ASN B 13 35.71 14.87 21.01
C ASN B 13 34.96 15.94 20.22
N GLU B 14 33.96 15.51 19.44
CA GLU B 14 33.16 16.43 18.66
C GLU B 14 32.03 16.94 19.55
N GLU B 15 32.11 18.20 19.92
CA GLU B 15 31.12 18.83 20.77
C GLU B 15 29.71 18.70 20.23
N GLN B 16 29.62 18.61 18.91
CA GLN B 16 28.34 18.50 18.21
C GLN B 16 27.76 17.08 18.17
N LEU B 17 28.43 16.12 18.78
CA LEU B 17 27.95 14.74 18.78
C LEU B 17 27.90 14.11 20.15
N LYS B 18 27.14 13.02 20.22
CA LYS B 18 27.04 12.23 21.43
C LYS B 18 27.47 10.84 21.02
N LEU B 19 28.64 10.43 21.50
CA LEU B 19 29.10 9.09 21.19
C LEU B 19 28.60 8.19 22.30
N GLN B 20 28.16 6.98 21.93
CA GLN B 20 27.65 6.04 22.92
C GLN B 20 28.28 4.68 22.74
N ARG B 21 28.51 3.99 23.85
CA ARG B 21 29.10 2.67 23.83
C ARG B 21 30.45 2.63 23.14
N ASP B 22 30.61 1.73 22.19
CA ASP B 22 31.89 1.59 21.51
C ASP B 22 32.24 2.66 20.46
N ALA B 23 31.32 3.56 20.16
CA ALA B 23 31.59 4.61 19.17
C ALA B 23 32.76 5.50 19.58
N ARG B 24 33.71 5.67 18.67
CA ARG B 24 34.88 6.50 18.91
C ARG B 24 35.27 7.21 17.64
N ILE B 25 36.10 8.25 17.76
CA ILE B 25 36.59 8.99 16.61
C ILE B 25 38.09 8.73 16.47
N SER B 26 38.48 8.06 15.38
CA SER B 26 39.88 7.75 15.14
C SER B 26 40.72 9.01 15.02
N SER B 27 42.03 8.85 15.20
CA SER B 27 42.96 9.96 15.12
C SER B 27 43.01 10.60 13.73
N ASN B 28 42.68 9.83 12.71
CA ASN B 28 42.71 10.38 11.36
C ASN B 28 41.34 10.84 10.85
N SER B 29 40.49 11.28 11.78
CA SER B 29 39.18 11.83 11.45
C SER B 29 37.91 11.01 11.17
N VAL B 30 37.97 9.68 11.14
CA VAL B 30 36.75 8.94 10.86
C VAL B 30 35.99 8.54 12.13
N LEU B 31 34.67 8.38 11.97
CA LEU B 31 33.81 7.98 13.08
C LEU B 31 33.66 6.46 13.06
N GLU B 32 34.25 5.78 14.04
CA GLU B 32 34.17 4.33 14.11
C GLU B 32 33.08 3.91 15.08
N LEU B 33 31.95 3.50 14.52
CA LEU B 33 30.81 3.06 15.32
C LEU B 33 31.11 1.85 16.16
N THR B 34 31.78 0.85 15.57
CA THR B 34 32.10 -0.33 16.33
C THR B 34 33.60 -0.41 16.58
N LYS B 35 33.96 -1.05 17.69
CA LYS B 35 35.35 -1.16 18.10
C LYS B 35 36.27 -1.84 17.10
N VAL B 36 37.48 -1.29 17.03
CA VAL B 36 38.53 -1.83 16.18
C VAL B 36 39.85 -1.61 16.92
N VAL B 37 40.50 -2.69 17.34
CA VAL B 37 41.76 -2.57 18.08
C VAL B 37 42.95 -3.03 17.25
N ASN B 38 43.90 -2.11 17.07
CA ASN B 38 45.10 -2.37 16.30
C ASN B 38 44.75 -2.77 14.88
N GLY B 39 43.88 -1.97 14.26
CA GLY B 39 43.46 -2.21 12.89
C GLY B 39 42.58 -3.42 12.65
N VAL B 40 42.12 -4.04 13.71
CA VAL B 40 41.28 -5.22 13.56
C VAL B 40 39.95 -5.09 14.29
N PRO B 41 38.84 -5.29 13.57
CA PRO B 41 37.52 -5.19 14.18
C PRO B 41 37.24 -6.37 15.11
N THR B 42 36.65 -6.09 16.26
CA THR B 42 36.34 -7.15 17.22
C THR B 42 34.84 -7.40 17.23
N TRP B 43 34.44 -8.53 17.78
CA TRP B 43 33.03 -8.88 17.86
C TRP B 43 32.49 -8.30 19.16
N ASN B 44 31.24 -8.63 19.47
CA ASN B 44 30.65 -8.17 20.72
C ASN B 44 30.78 -6.66 20.88
N SER B 45 30.62 -5.93 19.79
CA SER B 45 30.72 -4.47 19.82
C SER B 45 29.45 -3.79 19.34
N THR B 46 29.13 -2.66 19.95
CA THR B 46 27.94 -1.89 19.61
C THR B 46 28.19 -0.43 19.94
N GLY B 47 27.84 0.46 19.02
CA GLY B 47 28.05 1.88 19.26
C GLY B 47 27.16 2.75 18.39
N ARG B 48 26.86 3.95 18.88
CA ARG B 48 26.02 4.86 18.13
C ARG B 48 26.52 6.29 18.29
N ALA B 49 26.15 7.12 17.33
CA ALA B 49 26.52 8.52 17.34
C ALA B 49 25.23 9.27 17.02
N LEU B 50 24.89 10.25 17.85
CA LEU B 50 23.68 11.01 17.66
C LEU B 50 24.07 12.46 17.53
N TYR B 51 23.26 13.24 16.82
CA TYR B 51 23.55 14.65 16.70
C TYR B 51 23.10 15.21 18.06
N ALA B 52 23.99 15.94 18.72
CA ALA B 52 23.74 16.50 20.04
C ALA B 52 22.40 17.20 20.24
N LYS B 53 22.00 18.05 19.31
CA LYS B 53 20.74 18.75 19.47
C LYS B 53 19.62 18.02 18.74
N PRO B 54 18.41 18.12 19.27
CA PRO B 54 17.26 17.46 18.66
C PRO B 54 16.73 18.23 17.46
N VAL B 55 16.10 17.51 16.53
CA VAL B 55 15.53 18.19 15.37
C VAL B 55 14.04 17.95 15.40
N GLN B 56 13.29 18.92 14.89
CA GLN B 56 11.84 18.83 14.87
C GLN B 56 11.33 18.33 13.54
N VAL B 57 10.80 17.10 13.48
CA VAL B 57 10.29 16.58 12.22
C VAL B 57 8.87 16.98 11.93
N TRP B 58 8.14 17.43 12.95
CA TRP B 58 6.77 17.92 12.73
C TRP B 58 6.25 18.78 13.88
N ASP B 59 5.30 19.64 13.55
CA ASP B 59 4.72 20.56 14.52
C ASP B 59 3.24 20.24 14.70
N SER B 60 2.87 19.88 15.92
CA SER B 60 1.48 19.53 16.22
C SER B 60 0.54 20.74 16.13
N THR B 61 1.10 21.94 16.15
CA THR B 61 0.27 23.14 16.04
C THR B 61 -0.26 23.30 14.63
N THR B 62 0.65 23.22 13.67
CA THR B 62 0.33 23.38 12.26
C THR B 62 -0.04 22.07 11.58
N GLY B 63 0.41 20.96 12.17
CA GLY B 63 0.14 19.66 11.59
C GLY B 63 1.14 19.34 10.49
N ASN B 64 1.96 20.32 10.14
CA ASN B 64 2.96 20.17 9.10
C ASN B 64 4.09 19.20 9.44
N VAL B 65 4.59 18.50 8.43
CA VAL B 65 5.70 17.56 8.58
C VAL B 65 6.91 18.06 7.80
N ALA B 66 8.09 17.88 8.38
CA ALA B 66 9.31 18.32 7.74
C ALA B 66 9.78 17.40 6.63
N SER B 67 10.48 17.97 5.66
CA SER B 67 11.04 17.18 4.58
C SER B 67 12.51 17.24 4.89
N PHE B 68 13.27 16.22 4.51
CA PHE B 68 14.68 16.26 4.80
C PHE B 68 15.53 15.47 3.83
N GLU B 69 16.81 15.83 3.77
CA GLU B 69 17.78 15.14 2.94
C GLU B 69 19.04 14.98 3.80
N THR B 70 19.62 13.80 3.76
CA THR B 70 20.84 13.56 4.51
C THR B 70 21.76 12.72 3.64
N ARG B 71 23.03 13.08 3.63
CA ARG B 71 24.01 12.36 2.84
C ARG B 71 25.18 11.98 3.72
N PHE B 72 25.70 10.78 3.50
CA PHE B 72 26.86 10.33 4.25
C PHE B 72 27.64 9.29 3.48
N SER B 73 28.88 9.08 3.91
CA SER B 73 29.75 8.10 3.28
C SER B 73 30.23 7.15 4.36
N PHE B 74 30.19 5.86 4.07
CA PHE B 74 30.64 4.90 5.04
C PHE B 74 31.51 3.88 4.39
N SER B 75 32.13 3.05 5.20
CA SER B 75 32.96 2.00 4.69
C SER B 75 32.88 0.81 5.63
N ILE B 76 32.67 -0.37 5.05
CA ILE B 76 32.59 -1.59 5.81
C ILE B 76 33.67 -2.50 5.29
N ARG B 77 34.65 -2.81 6.13
CA ARG B 77 35.72 -3.71 5.74
C ARG B 77 35.48 -5.03 6.46
N GLN B 78 35.43 -6.09 5.68
CA GLN B 78 35.20 -7.44 6.20
C GLN B 78 36.48 -8.26 6.05
N PRO B 79 37.30 -8.29 7.09
CA PRO B 79 38.57 -9.03 7.13
C PRO B 79 38.42 -10.54 7.09
N PHE B 80 37.35 -11.04 7.69
CA PHE B 80 37.15 -12.47 7.77
C PHE B 80 35.95 -12.96 6.97
N PRO B 81 36.16 -13.33 5.70
CA PRO B 81 35.06 -13.82 4.86
C PRO B 81 34.26 -14.98 5.44
N ARG B 82 34.94 -15.93 6.06
CA ARG B 82 34.24 -17.08 6.67
C ARG B 82 34.28 -16.90 8.18
N PRO B 83 33.22 -17.32 8.88
CA PRO B 83 32.01 -17.93 8.32
C PRO B 83 30.95 -16.92 7.87
N HIS B 84 30.98 -15.71 8.43
CA HIS B 84 29.97 -14.69 8.11
C HIS B 84 30.14 -13.37 8.87
N PRO B 85 30.44 -12.28 8.14
CA PRO B 85 30.60 -10.97 8.77
C PRO B 85 29.28 -10.57 9.44
N ALA B 86 29.33 -9.62 10.37
CA ALA B 86 28.14 -9.16 11.06
C ALA B 86 28.46 -7.89 11.83
N ASP B 87 27.46 -7.05 12.09
CA ASP B 87 26.08 -7.28 11.68
C ASP B 87 25.60 -6.23 10.67
N GLY B 88 26.18 -5.05 10.73
CA GLY B 88 25.78 -3.98 9.83
C GLY B 88 25.58 -2.67 10.56
N LEU B 89 25.21 -1.64 9.81
CA LEU B 89 24.99 -0.32 10.40
C LEU B 89 23.68 0.28 9.91
N VAL B 90 23.18 1.26 10.64
CA VAL B 90 21.94 1.89 10.22
C VAL B 90 21.98 3.38 10.51
N PHE B 91 21.12 4.10 9.81
CA PHE B 91 20.95 5.51 10.03
C PHE B 91 19.58 5.50 10.66
N PHE B 92 19.37 6.25 11.74
CA PHE B 92 18.06 6.22 12.35
C PHE B 92 17.57 7.54 12.93
N ILE B 93 16.27 7.58 13.15
CA ILE B 93 15.57 8.72 13.71
C ILE B 93 14.87 8.10 14.91
N ALA B 94 14.99 8.72 16.08
CA ALA B 94 14.36 8.18 17.28
C ALA B 94 14.04 9.27 18.28
N PRO B 95 13.27 8.94 19.33
CA PRO B 95 12.94 9.94 20.34
C PRO B 95 14.24 10.39 20.97
N PRO B 96 14.29 11.63 21.47
CA PRO B 96 15.56 12.05 22.07
C PRO B 96 15.84 11.34 23.38
N ASN B 97 17.12 11.27 23.75
CA ASN B 97 17.54 10.65 25.00
C ASN B 97 17.38 9.14 25.12
N THR B 98 17.34 8.41 24.01
CA THR B 98 17.20 6.97 24.09
C THR B 98 18.55 6.38 24.49
N GLN B 99 18.55 5.10 24.82
CA GLN B 99 19.80 4.47 25.21
C GLN B 99 20.06 3.31 24.26
N THR B 100 21.33 2.98 24.04
CA THR B 100 21.65 1.89 23.13
C THR B 100 20.82 0.66 23.44
N GLY B 101 20.29 0.03 22.40
CA GLY B 101 19.46 -1.14 22.58
C GLY B 101 20.29 -2.39 22.46
N GLU B 102 19.64 -3.51 22.17
CA GLU B 102 20.30 -4.80 22.01
C GLU B 102 21.28 -4.74 20.83
N GLY B 103 22.35 -5.51 20.89
CA GLY B 103 23.32 -5.51 19.82
C GLY B 103 22.97 -6.52 18.75
N GLY B 104 23.98 -7.16 18.17
CA GLY B 104 23.75 -8.14 17.13
C GLY B 104 22.86 -7.66 15.99
N GLY B 105 21.91 -8.51 15.61
CA GLY B 105 21.02 -8.16 14.53
C GLY B 105 20.07 -7.03 14.85
N TYR B 106 20.20 -6.43 16.02
CA TYR B 106 19.33 -5.32 16.39
C TYR B 106 20.03 -4.00 16.22
N PHE B 107 21.29 -4.06 15.76
CA PHE B 107 22.10 -2.87 15.49
C PHE B 107 22.23 -1.88 16.65
N GLY B 108 21.67 -2.22 17.81
CA GLY B 108 21.72 -1.32 18.93
C GLY B 108 20.59 -0.31 18.94
N ILE B 109 19.57 -0.48 18.11
CA ILE B 109 18.46 0.48 18.16
C ILE B 109 17.16 -0.12 18.66
N TYR B 110 17.13 -1.44 18.76
CA TYR B 110 15.93 -2.09 19.26
C TYR B 110 16.15 -2.64 20.67
N ASN B 111 15.23 -2.30 21.56
CA ASN B 111 15.30 -2.75 22.95
C ASN B 111 14.03 -3.53 23.29
N PRO B 112 14.10 -4.87 23.25
CA PRO B 112 12.96 -5.76 23.55
C PRO B 112 12.26 -5.37 24.85
N LEU B 113 13.08 -5.06 25.87
CA LEU B 113 12.58 -4.68 27.18
C LEU B 113 11.67 -3.47 27.07
N SER B 114 12.28 -2.32 26.78
CA SER B 114 11.53 -1.08 26.65
C SER B 114 11.69 -0.53 25.24
N PRO B 115 10.83 -0.97 24.31
CA PRO B 115 10.87 -0.55 22.90
C PRO B 115 10.43 0.89 22.66
N TYR B 116 11.27 1.65 21.95
CA TYR B 116 10.94 3.03 21.60
C TYR B 116 10.84 3.08 20.10
N PRO B 117 9.95 3.93 19.56
CA PRO B 117 9.83 4.00 18.10
C PRO B 117 11.08 4.53 17.42
N PHE B 118 11.19 4.26 16.14
CA PHE B 118 12.32 4.69 15.37
C PHE B 118 12.10 4.36 13.90
N VAL B 119 12.65 5.19 13.03
CA VAL B 119 12.60 4.94 11.60
C VAL B 119 14.07 4.83 11.30
N ALA B 120 14.47 3.78 10.61
CA ALA B 120 15.88 3.61 10.30
C ALA B 120 16.09 2.97 8.92
N VAL B 121 17.23 3.27 8.32
CA VAL B 121 17.59 2.70 7.03
C VAL B 121 18.78 1.85 7.37
N GLU B 122 18.65 0.55 7.16
CA GLU B 122 19.73 -0.36 7.49
C GLU B 122 20.56 -0.86 6.34
N PHE B 123 21.79 -1.24 6.67
CA PHE B 123 22.71 -1.82 5.69
C PHE B 123 23.11 -3.10 6.43
N ASP B 124 22.32 -4.14 6.19
CA ASP B 124 22.44 -5.44 6.84
C ASP B 124 23.41 -6.35 6.15
N THR B 125 24.36 -6.90 6.91
CA THR B 125 25.33 -7.79 6.31
C THR B 125 25.35 -9.20 6.89
N PHE B 126 24.41 -9.50 7.77
CA PHE B 126 24.32 -10.84 8.34
C PHE B 126 22.88 -11.26 8.30
N ARG B 127 22.64 -12.52 7.91
CA ARG B 127 21.29 -12.99 7.81
C ARG B 127 20.69 -13.59 9.07
N ASN B 128 19.78 -12.84 9.68
CA ASN B 128 19.07 -13.30 10.86
C ASN B 128 17.85 -14.09 10.36
N THR B 129 17.14 -14.71 11.29
CA THR B 129 15.98 -15.52 10.93
C THR B 129 14.92 -14.76 10.17
N TRP B 130 14.79 -13.46 10.43
CA TRP B 130 13.79 -12.60 9.78
C TRP B 130 14.29 -11.91 8.50
N ASP B 131 15.57 -12.12 8.16
CA ASP B 131 16.16 -11.48 6.99
C ASP B 131 16.17 -12.29 5.71
N PRO B 132 16.23 -11.59 4.57
CA PRO B 132 16.28 -12.21 3.25
C PRO B 132 17.80 -12.26 3.00
N GLN B 133 18.26 -12.77 1.86
CA GLN B 133 19.70 -12.83 1.65
C GLN B 133 20.33 -11.48 1.95
N ILE B 134 21.63 -11.51 2.22
CA ILE B 134 22.41 -10.31 2.55
C ILE B 134 23.62 -10.22 1.65
N PRO B 135 24.23 -9.03 1.55
CA PRO B 135 23.84 -7.80 2.25
C PRO B 135 22.60 -7.20 1.61
N HIS B 136 21.89 -6.35 2.34
CA HIS B 136 20.72 -5.71 1.78
C HIS B 136 20.44 -4.38 2.47
N ILE B 137 19.82 -3.46 1.73
CA ILE B 137 19.43 -2.17 2.29
C ILE B 137 18.02 -2.46 2.77
N GLY B 138 17.65 -1.92 3.92
CA GLY B 138 16.32 -2.16 4.42
C GLY B 138 15.75 -0.93 5.07
N ILE B 139 14.44 -0.76 4.96
CA ILE B 139 13.76 0.37 5.57
C ILE B 139 13.00 -0.21 6.75
N ASP B 140 13.37 0.23 7.96
CA ASP B 140 12.78 -0.26 9.18
C ASP B 140 11.89 0.76 9.89
N VAL B 141 10.74 0.30 10.38
CA VAL B 141 9.84 1.17 11.15
C VAL B 141 9.46 0.45 12.44
N ASN B 142 10.00 0.91 13.57
CA ASN B 142 9.72 0.33 14.88
C ASN B 142 10.13 -1.13 15.00
N SER B 143 10.79 -1.65 13.97
CA SER B 143 11.18 -3.03 13.99
C SER B 143 12.36 -3.25 13.07
N VAL B 144 13.13 -4.28 13.38
CA VAL B 144 14.28 -4.61 12.58
C VAL B 144 13.84 -5.53 11.42
N ILE B 145 12.54 -5.78 11.34
CA ILE B 145 12.00 -6.56 10.24
C ILE B 145 11.54 -5.55 9.19
N SER B 146 12.45 -5.27 8.25
CA SER B 146 12.23 -4.31 7.17
C SER B 146 10.89 -4.41 6.45
N THR B 147 10.35 -3.26 6.07
CA THR B 147 9.10 -3.19 5.33
C THR B 147 9.45 -3.40 3.86
N LYS B 148 10.67 -3.03 3.48
CA LYS B 148 11.11 -3.18 2.10
C LYS B 148 12.61 -3.42 2.15
N THR B 149 13.10 -4.30 1.29
CA THR B 149 14.54 -4.53 1.22
C THR B 149 14.97 -4.70 -0.21
N VAL B 150 16.26 -4.51 -0.44
CA VAL B 150 16.83 -4.69 -1.76
C VAL B 150 18.26 -5.17 -1.57
N PRO B 151 18.65 -6.20 -2.32
CA PRO B 151 20.01 -6.70 -2.19
C PRO B 151 21.07 -5.79 -2.82
N PHE B 152 22.30 -5.91 -2.34
CA PHE B 152 23.40 -5.12 -2.86
C PHE B 152 24.72 -5.84 -2.55
N THR B 153 25.69 -5.69 -3.44
CA THR B 153 26.99 -6.30 -3.25
C THR B 153 27.92 -5.23 -2.69
N LEU B 154 28.54 -5.56 -1.56
CA LEU B 154 29.42 -4.64 -0.86
C LEU B 154 30.81 -4.49 -1.47
N ASP B 155 31.33 -3.27 -1.43
CA ASP B 155 32.69 -3.06 -1.89
C ASP B 155 33.51 -3.10 -0.63
N ASN B 156 34.02 -4.29 -0.31
CA ASN B 156 34.80 -4.52 0.89
C ASN B 156 35.89 -3.48 1.10
N GLY B 157 35.74 -2.70 2.16
CA GLY B 157 36.73 -1.69 2.47
C GLY B 157 36.66 -0.48 1.59
N GLY B 158 35.82 -0.53 0.56
CA GLY B 158 35.68 0.60 -0.32
C GLY B 158 34.78 1.65 0.30
N ILE B 159 34.61 2.76 -0.39
CA ILE B 159 33.78 3.84 0.12
C ILE B 159 32.38 3.73 -0.47
N ALA B 160 31.38 4.02 0.34
CA ALA B 160 29.99 3.99 -0.11
C ALA B 160 29.34 5.34 0.12
N ASN B 161 28.62 5.82 -0.89
CA ASN B 161 27.92 7.10 -0.77
C ASN B 161 26.45 6.83 -0.66
N VAL B 162 25.84 7.40 0.37
CA VAL B 162 24.42 7.21 0.59
C VAL B 162 23.67 8.53 0.58
N VAL B 163 22.46 8.50 0.04
CA VAL B 163 21.62 9.68 -0.01
C VAL B 163 20.24 9.24 0.47
N ILE B 164 19.77 9.82 1.56
CA ILE B 164 18.45 9.50 2.07
C ILE B 164 17.64 10.78 1.96
N LYS B 165 16.48 10.69 1.33
CA LYS B 165 15.61 11.86 1.13
C LYS B 165 14.18 11.55 1.58
N TYR B 166 13.57 12.50 2.25
CA TYR B 166 12.20 12.32 2.70
C TYR B 166 11.36 13.48 2.22
N ASP B 167 10.36 13.19 1.41
CA ASP B 167 9.48 14.22 0.90
C ASP B 167 8.18 14.09 1.68
N ALA B 168 7.90 15.07 2.54
CA ALA B 168 6.71 15.06 3.37
C ALA B 168 5.40 15.05 2.59
N SER B 169 5.35 15.82 1.52
CA SER B 169 4.14 15.91 0.73
C SER B 169 3.71 14.58 0.11
N THR B 170 4.65 13.67 -0.12
CA THR B 170 4.30 12.39 -0.71
C THR B 170 4.54 11.25 0.29
N LYS B 171 5.20 11.59 1.38
CA LYS B 171 5.55 10.62 2.42
C LYS B 171 6.51 9.58 1.89
N ILE B 172 7.20 9.91 0.81
CA ILE B 172 8.16 8.97 0.23
C ILE B 172 9.56 9.11 0.85
N LEU B 173 10.08 8.01 1.36
CA LEU B 173 11.42 8.00 1.88
C LEU B 173 12.22 7.20 0.84
N HIS B 174 13.10 7.86 0.12
CA HIS B 174 13.90 7.17 -0.87
C HIS B 174 15.38 7.22 -0.51
N VAL B 175 16.05 6.08 -0.61
CA VAL B 175 17.47 6.03 -0.31
C VAL B 175 18.25 5.53 -1.51
N VAL B 176 19.48 6.03 -1.63
CA VAL B 176 20.34 5.66 -2.74
C VAL B 176 21.69 5.24 -2.20
N LEU B 177 22.19 4.12 -2.69
CA LEU B 177 23.47 3.60 -2.26
C LEU B 177 24.38 3.49 -3.46
N VAL B 178 25.49 4.22 -3.46
CA VAL B 178 26.43 4.17 -4.58
C VAL B 178 27.84 3.80 -4.13
N PHE B 179 28.48 2.94 -4.92
CA PHE B 179 29.86 2.54 -4.67
C PHE B 179 30.65 3.07 -5.86
N PRO B 180 31.12 4.32 -5.75
CA PRO B 180 31.90 4.95 -6.81
C PRO B 180 32.98 4.10 -7.46
N SER B 181 33.72 3.33 -6.69
CA SER B 181 34.75 2.49 -7.28
C SER B 181 34.19 1.40 -8.20
N LEU B 182 32.99 0.92 -7.92
CA LEU B 182 32.39 -0.12 -8.71
C LEU B 182 31.34 0.44 -9.70
N GLY B 183 31.03 1.72 -9.54
CA GLY B 183 30.05 2.35 -10.40
C GLY B 183 28.66 1.77 -10.24
N THR B 184 28.46 0.97 -9.20
CA THR B 184 27.17 0.33 -8.96
C THR B 184 26.21 1.24 -8.20
N ILE B 185 24.93 1.13 -8.54
CA ILE B 185 23.90 1.95 -7.90
C ILE B 185 22.74 1.11 -7.41
N TYR B 186 22.31 1.37 -6.19
CA TYR B 186 21.19 0.66 -5.60
C TYR B 186 20.20 1.65 -5.07
N THR B 187 18.92 1.38 -5.32
CA THR B 187 17.87 2.28 -4.86
C THR B 187 16.69 1.58 -4.23
N ILE B 188 16.12 2.21 -3.22
CA ILE B 188 14.97 1.65 -2.53
C ILE B 188 14.09 2.78 -1.99
N ALA B 189 12.79 2.57 -1.96
CA ALA B 189 11.85 3.60 -1.49
C ALA B 189 10.61 2.97 -0.87
N ASP B 190 10.00 3.69 0.06
CA ASP B 190 8.78 3.22 0.69
C ASP B 190 8.03 4.39 1.27
N ILE B 191 6.76 4.18 1.57
CA ILE B 191 5.95 5.25 2.15
C ILE B 191 6.00 5.12 3.67
N VAL B 192 6.31 6.24 4.31
CA VAL B 192 6.44 6.30 5.76
C VAL B 192 5.82 7.60 6.26
N ASP B 193 4.98 7.50 7.27
CA ASP B 193 4.37 8.69 7.84
C ASP B 193 5.05 8.96 9.17
N LEU B 194 6.03 9.86 9.15
CA LEU B 194 6.77 10.18 10.37
C LEU B 194 5.87 10.63 11.49
N LYS B 195 4.91 11.48 11.13
CA LYS B 195 3.95 12.07 12.05
C LYS B 195 3.19 10.98 12.77
N GLN B 196 3.05 9.84 12.11
CA GLN B 196 2.31 8.72 12.67
C GLN B 196 3.12 7.83 13.59
N VAL B 197 4.44 7.82 13.45
CA VAL B 197 5.25 6.95 14.30
C VAL B 197 6.24 7.62 15.24
N LEU B 198 6.60 8.87 14.98
CA LEU B 198 7.57 9.56 15.82
C LEU B 198 7.02 10.83 16.49
N PRO B 199 7.67 11.25 17.59
CA PRO B 199 7.26 12.45 18.31
C PRO B 199 7.71 13.69 17.53
N GLU B 200 7.28 14.88 17.92
CA GLU B 200 7.66 16.07 17.20
C GLU B 200 9.17 16.34 17.17
N SER B 201 9.85 16.12 18.28
CA SER B 201 11.30 16.31 18.34
C SER B 201 11.98 14.96 18.39
N VAL B 202 13.10 14.82 17.68
CA VAL B 202 13.81 13.55 17.64
C VAL B 202 15.31 13.74 17.54
N ASN B 203 16.03 12.63 17.58
CA ASN B 203 17.49 12.61 17.44
C ASN B 203 17.73 11.86 16.14
N VAL B 204 18.82 12.19 15.46
CA VAL B 204 19.16 11.49 14.24
C VAL B 204 20.58 11.02 14.45
N GLY B 205 20.93 9.88 13.86
CA GLY B 205 22.28 9.40 14.03
C GLY B 205 22.55 8.04 13.40
N PHE B 206 23.64 7.44 13.84
CA PHE B 206 24.04 6.15 13.33
C PHE B 206 24.19 5.16 14.46
N SER B 207 24.07 3.87 14.13
CA SER B 207 24.22 2.82 15.11
C SER B 207 24.71 1.59 14.35
N ALA B 208 25.64 0.86 14.95
CA ALA B 208 26.18 -0.33 14.32
C ALA B 208 26.44 -1.41 15.36
N ALA B 209 26.75 -2.62 14.91
CA ALA B 209 27.01 -3.73 15.81
C ALA B 209 27.75 -4.86 15.14
N THR B 210 28.63 -5.51 15.89
CA THR B 210 29.35 -6.64 15.36
C THR B 210 28.79 -7.93 15.98
N GLY B 211 29.30 -9.08 15.53
CA GLY B 211 28.80 -10.35 16.02
C GLY B 211 28.53 -10.43 17.51
N ASP B 212 27.37 -10.96 17.86
CA ASP B 212 26.99 -11.13 19.26
C ASP B 212 27.69 -12.38 19.79
N PRO B 213 28.12 -12.36 21.07
CA PRO B 213 28.80 -13.52 21.64
C PRO B 213 28.02 -14.83 21.57
N SER B 214 26.69 -14.74 21.69
CA SER B 214 25.86 -15.94 21.64
C SER B 214 26.06 -16.71 20.34
N GLY B 215 26.57 -16.05 19.31
CA GLY B 215 26.80 -16.70 18.04
C GLY B 215 28.05 -17.54 18.10
N LYS B 216 28.83 -17.36 19.16
CA LYS B 216 30.05 -18.12 19.40
C LYS B 216 31.04 -18.06 18.25
N GLN B 217 31.06 -16.95 17.54
CA GLN B 217 31.97 -16.79 16.41
C GLN B 217 32.68 -15.42 16.46
N ARG B 218 33.93 -15.42 16.88
CA ARG B 218 34.69 -14.18 16.99
C ARG B 218 34.93 -13.54 15.62
N ASN B 219 34.88 -14.36 14.58
CA ASN B 219 35.08 -13.89 13.21
C ASN B 219 33.89 -13.06 12.73
N ALA B 220 32.73 -13.26 13.35
CA ALA B 220 31.53 -12.54 12.96
C ALA B 220 31.68 -11.06 13.30
N THR B 221 32.48 -10.36 12.49
CA THR B 221 32.74 -8.95 12.75
C THR B 221 33.14 -8.22 11.49
N GLU B 222 33.24 -6.89 11.61
CA GLU B 222 33.61 -6.03 10.52
C GLU B 222 33.70 -4.60 11.06
N THR B 223 34.14 -3.67 10.23
CA THR B 223 34.21 -2.28 10.66
C THR B 223 32.92 -1.59 10.22
N HIS B 224 32.64 -0.45 10.84
CA HIS B 224 31.47 0.34 10.50
C HIS B 224 31.86 1.79 10.66
N ASP B 225 32.61 2.27 9.68
CA ASP B 225 33.10 3.63 9.70
C ASP B 225 32.27 4.62 8.92
N ILE B 226 32.08 5.79 9.51
CA ILE B 226 31.37 6.88 8.87
C ILE B 226 32.42 7.93 8.51
N LEU B 227 32.55 8.24 7.23
CA LEU B 227 33.55 9.21 6.81
C LEU B 227 33.10 10.68 6.83
N SER B 228 31.88 10.95 6.38
CA SER B 228 31.37 12.32 6.36
C SER B 228 29.85 12.29 6.53
N TRP B 229 29.25 13.41 6.89
CA TRP B 229 27.81 13.41 7.10
C TRP B 229 27.18 14.80 7.07
N SER B 230 26.14 14.97 6.26
CA SER B 230 25.44 16.24 6.19
C SER B 230 23.95 15.96 6.31
N PHE B 231 23.23 16.86 6.96
CA PHE B 231 21.80 16.71 7.18
C PHE B 231 21.11 18.04 7.02
N SER B 232 19.90 18.00 6.46
CA SER B 232 19.13 19.20 6.23
C SER B 232 17.65 18.88 6.39
N ALA B 233 16.92 19.71 7.13
CA ALA B 233 15.50 19.50 7.33
C ALA B 233 14.72 20.82 7.26
N SER B 234 13.55 20.78 6.65
CA SER B 234 12.68 21.97 6.52
C SER B 234 11.31 21.71 7.07
N LEU B 235 10.92 22.50 8.05
CA LEU B 235 9.62 22.34 8.66
C LEU B 235 8.86 23.63 8.46
N PRO B 236 8.21 23.80 7.30
CA PRO B 236 7.44 25.03 7.04
C PRO B 236 6.46 25.38 8.17
N GLY B 237 6.74 26.50 8.85
CA GLY B 237 5.95 26.97 9.96
C GLY B 237 6.68 26.73 11.29
N LYS C 1 1.62 -20.32 -3.07
CA LYS C 1 1.24 -21.53 -2.28
C LYS C 1 -0.10 -21.36 -1.57
N THR C 2 -1.15 -21.92 -2.17
CA THR C 2 -2.49 -21.85 -1.58
C THR C 2 -2.66 -23.01 -0.62
N ILE C 3 -3.33 -22.77 0.50
CA ILE C 3 -3.56 -23.83 1.49
C ILE C 3 -4.99 -23.69 2.04
N SER C 4 -5.87 -24.63 1.70
CA SER C 4 -7.25 -24.53 2.17
C SER C 4 -7.77 -25.80 2.81
N PHE C 5 -8.76 -25.65 3.68
CA PHE C 5 -9.36 -26.78 4.36
C PHE C 5 -10.77 -26.39 4.78
N ASN C 6 -11.73 -27.30 4.62
CA ASN C 6 -13.11 -27.00 4.95
C ASN C 6 -13.78 -27.95 5.95
N PHE C 7 -14.70 -27.42 6.75
CA PHE C 7 -15.43 -28.18 7.75
C PHE C 7 -16.90 -27.81 7.70
N ASN C 8 -17.74 -28.69 7.16
CA ASN C 8 -19.16 -28.43 7.11
C ASN C 8 -19.78 -28.87 8.42
N GLN C 9 -19.12 -29.83 9.05
CA GLN C 9 -19.55 -30.36 10.32
C GLN C 9 -18.36 -31.07 10.95
N PHE C 10 -18.36 -31.18 12.27
CA PHE C 10 -17.26 -31.81 12.95
C PHE C 10 -17.56 -33.23 13.40
N HIS C 11 -16.60 -34.12 13.15
CA HIS C 11 -16.72 -35.53 13.52
C HIS C 11 -15.71 -35.81 14.62
N GLN C 12 -16.12 -36.59 15.61
CA GLN C 12 -15.23 -36.93 16.71
C GLN C 12 -14.00 -37.62 16.14
N ASN C 13 -12.89 -37.54 16.86
CA ASN C 13 -11.65 -38.15 16.39
C ASN C 13 -11.37 -37.70 14.94
N GLU C 14 -11.40 -36.38 14.74
CA GLU C 14 -11.12 -35.78 13.43
C GLU C 14 -9.61 -35.61 13.38
N GLU C 15 -8.98 -36.18 12.37
CA GLU C 15 -7.53 -36.10 12.23
C GLU C 15 -7.03 -34.68 11.98
N GLN C 16 -7.95 -33.81 11.56
CA GLN C 16 -7.58 -32.44 11.25
C GLN C 16 -7.60 -31.47 12.43
N LEU C 17 -8.35 -31.78 13.47
CA LEU C 17 -8.41 -30.88 14.62
C LEU C 17 -7.56 -31.34 15.78
N LYS C 18 -7.30 -30.40 16.68
CA LYS C 18 -6.53 -30.67 17.88
C LYS C 18 -7.32 -29.91 18.91
N LEU C 19 -7.90 -30.63 19.86
CA LEU C 19 -8.71 -30.02 20.89
C LEU C 19 -7.91 -29.88 22.18
N GLN C 20 -8.17 -28.82 22.92
CA GLN C 20 -7.45 -28.59 24.16
C GLN C 20 -8.39 -28.24 25.30
N ARG C 21 -8.01 -28.67 26.50
CA ARG C 21 -8.80 -28.46 27.69
C ARG C 21 -10.25 -28.96 27.55
N ASP C 22 -11.23 -28.09 27.84
CA ASP C 22 -12.63 -28.47 27.77
C ASP C 22 -13.24 -28.67 26.39
N ALA C 23 -12.51 -28.32 25.34
CA ALA C 23 -13.04 -28.48 23.98
C ALA C 23 -13.39 -29.94 23.64
N ARG C 24 -14.60 -30.15 23.16
CA ARG C 24 -15.10 -31.47 22.78
C ARG C 24 -15.99 -31.35 21.56
N ILE C 25 -16.22 -32.48 20.88
CA ILE C 25 -17.11 -32.50 19.73
C ILE C 25 -18.35 -33.32 20.10
N SER C 26 -19.51 -32.66 20.14
CA SER C 26 -20.76 -33.33 20.49
C SER C 26 -21.09 -34.43 19.51
N SER C 27 -21.94 -35.35 19.94
CA SER C 27 -22.32 -36.47 19.08
C SER C 27 -23.11 -36.04 17.84
N ASN C 28 -23.72 -34.85 17.89
CA ASN C 28 -24.46 -34.39 16.72
C ASN C 28 -23.71 -33.36 15.84
N SER C 29 -22.38 -33.49 15.75
CA SER C 29 -21.60 -32.61 14.88
C SER C 29 -21.13 -31.22 15.25
N VAL C 30 -21.39 -30.74 16.47
CA VAL C 30 -20.93 -29.39 16.79
C VAL C 30 -19.68 -29.37 17.67
N LEU C 31 -18.90 -28.29 17.53
CA LEU C 31 -17.67 -28.10 18.27
C LEU C 31 -18.00 -27.28 19.52
N GLU C 32 -17.93 -27.92 20.67
CA GLU C 32 -18.23 -27.24 21.92
C GLU C 32 -16.94 -26.79 22.60
N LEU C 33 -16.66 -25.50 22.49
CA LEU C 33 -15.45 -24.94 23.06
C LEU C 33 -15.43 -25.05 24.59
N THR C 34 -16.54 -24.72 25.21
CA THR C 34 -16.62 -24.79 26.66
C THR C 34 -17.53 -25.93 27.12
N LYS C 35 -17.29 -26.40 28.33
CA LYS C 35 -18.06 -27.49 28.89
C LYS C 35 -19.54 -27.20 29.06
N VAL C 36 -20.37 -28.13 28.62
CA VAL C 36 -21.82 -28.06 28.77
C VAL C 36 -22.27 -29.47 29.21
N VAL C 37 -22.76 -29.58 30.43
CA VAL C 37 -23.19 -30.86 30.96
C VAL C 37 -24.71 -30.97 31.08
N ASN C 38 -25.27 -31.95 30.39
CA ASN C 38 -26.71 -32.17 30.41
C ASN C 38 -27.44 -30.93 29.90
N GLY C 39 -26.99 -30.41 28.76
CA GLY C 39 -27.63 -29.26 28.15
C GLY C 39 -27.45 -27.95 28.88
N VAL C 40 -26.58 -27.94 29.89
CA VAL C 40 -26.34 -26.72 30.66
C VAL C 40 -24.88 -26.31 30.69
N PRO C 41 -24.57 -25.07 30.29
CA PRO C 41 -23.18 -24.60 30.31
C PRO C 41 -22.72 -24.33 31.74
N THR C 42 -21.49 -24.76 32.03
CA THR C 42 -20.91 -24.59 33.35
C THR C 42 -19.88 -23.47 33.33
N TRP C 43 -19.55 -22.96 34.52
CA TRP C 43 -18.56 -21.90 34.64
C TRP C 43 -17.19 -22.55 34.75
N ASN C 44 -16.16 -21.73 34.98
CA ASN C 44 -14.81 -22.23 35.13
C ASN C 44 -14.40 -23.18 34.00
N SER C 45 -14.81 -22.85 32.79
CA SER C 45 -14.46 -23.67 31.64
C SER C 45 -13.66 -22.89 30.60
N THR C 46 -12.74 -23.60 29.95
CA THR C 46 -11.90 -23.01 28.93
C THR C 46 -11.50 -24.10 27.95
N GLY C 47 -11.58 -23.81 26.65
CA GLY C 47 -11.21 -24.78 25.65
C GLY C 47 -10.87 -24.14 24.32
N ARG C 48 -10.02 -24.81 23.55
CA ARG C 48 -9.65 -24.30 22.24
C ARG C 48 -9.56 -25.43 21.24
N ALA C 49 -9.63 -25.07 19.96
CA ALA C 49 -9.55 -25.99 18.86
C ALA C 49 -8.60 -25.34 17.87
N LEU C 50 -7.56 -26.08 17.47
CA LEU C 50 -6.60 -25.56 16.52
C LEU C 50 -6.59 -26.48 15.32
N TYR C 51 -6.24 -25.93 14.17
CA TYR C 51 -6.14 -26.75 12.97
C TYR C 51 -4.83 -27.51 13.15
N ALA C 52 -4.90 -28.83 13.10
CA ALA C 52 -3.73 -29.68 13.29
C ALA C 52 -2.42 -29.24 12.61
N LYS C 53 -2.44 -28.89 11.34
CA LYS C 53 -1.23 -28.49 10.66
C LYS C 53 -0.95 -26.97 10.77
N PRO C 54 0.33 -26.56 10.66
CA PRO C 54 0.69 -25.15 10.75
C PRO C 54 0.56 -24.49 9.36
N VAL C 55 0.22 -23.21 9.35
CA VAL C 55 0.07 -22.47 8.10
C VAL C 55 1.14 -21.39 8.04
N GLN C 56 1.64 -21.10 6.85
CA GLN C 56 2.67 -20.09 6.68
C GLN C 56 2.06 -18.75 6.28
N VAL C 57 2.08 -17.78 7.18
CA VAL C 57 1.51 -16.47 6.87
C VAL C 57 2.49 -15.53 6.15
N TRP C 58 3.78 -15.85 6.19
CA TRP C 58 4.78 -15.07 5.48
C TRP C 58 6.09 -15.80 5.30
N ASP C 59 6.82 -15.39 4.28
CA ASP C 59 8.10 -15.98 3.89
C ASP C 59 9.21 -14.96 4.07
N SER C 60 10.15 -15.24 4.97
CA SER C 60 11.27 -14.33 5.22
C SER C 60 12.22 -14.21 4.03
N THR C 61 12.17 -15.19 3.15
CA THR C 61 13.04 -15.18 1.98
C THR C 61 12.58 -14.14 0.98
N THR C 62 11.29 -14.15 0.65
CA THR C 62 10.74 -13.20 -0.32
C THR C 62 10.18 -11.96 0.35
N GLY C 63 9.93 -12.04 1.65
CA GLY C 63 9.38 -10.90 2.36
C GLY C 63 7.88 -10.79 2.19
N ASN C 64 7.32 -11.63 1.31
CA ASN C 64 5.89 -11.63 1.04
C ASN C 64 5.02 -12.11 2.19
N VAL C 65 3.83 -11.53 2.27
CA VAL C 65 2.87 -11.89 3.31
C VAL C 65 1.64 -12.49 2.66
N ALA C 66 1.09 -13.53 3.29
CA ALA C 66 -0.10 -14.20 2.78
C ALA C 66 -1.38 -13.42 3.01
N SER C 67 -2.34 -13.62 2.11
CA SER C 67 -3.65 -13.02 2.26
C SER C 67 -4.52 -14.21 2.63
N PHE C 68 -5.58 -13.99 3.37
CA PHE C 68 -6.43 -15.11 3.73
C PHE C 68 -7.87 -14.74 4.00
N GLU C 69 -8.73 -15.72 3.86
CA GLU C 69 -10.14 -15.55 4.14
C GLU C 69 -10.59 -16.78 4.90
N THR C 70 -11.37 -16.57 5.95
CA THR C 70 -11.87 -17.68 6.72
C THR C 70 -13.32 -17.39 7.08
N ARG C 71 -14.15 -18.41 6.98
CA ARG C 71 -15.56 -18.25 7.30
C ARG C 71 -15.98 -19.33 8.27
N PHE C 72 -16.83 -18.96 9.22
CA PHE C 72 -17.32 -19.94 10.18
C PHE C 72 -18.65 -19.50 10.74
N SER C 73 -19.35 -20.45 11.36
CA SER C 73 -20.65 -20.17 11.95
C SER C 73 -20.59 -20.64 13.39
N PHE C 74 -21.10 -19.81 14.29
CA PHE C 74 -21.06 -20.19 15.69
C PHE C 74 -22.40 -19.89 16.31
N SER C 75 -22.57 -20.33 17.54
CA SER C 75 -23.80 -20.07 18.24
C SER C 75 -23.47 -19.93 19.73
N ILE C 76 -24.02 -18.90 20.33
CA ILE C 76 -23.84 -18.65 21.74
C ILE C 76 -25.21 -18.60 22.38
N ARG C 77 -25.49 -19.59 23.24
CA ARG C 77 -26.75 -19.66 23.95
C ARG C 77 -26.49 -19.22 25.39
N GLN C 78 -27.22 -18.21 25.82
CA GLN C 78 -27.09 -17.67 27.17
C GLN C 78 -28.36 -18.02 27.97
N PRO C 79 -28.32 -19.14 28.71
CA PRO C 79 -29.42 -19.63 29.52
C PRO C 79 -29.75 -18.77 30.72
N PHE C 80 -28.74 -18.14 31.31
CA PHE C 80 -28.96 -17.33 32.49
C PHE C 80 -28.71 -15.86 32.26
N PRO C 81 -29.77 -15.12 31.93
CA PRO C 81 -29.68 -13.68 31.67
C PRO C 81 -28.92 -12.96 32.77
N ARG C 82 -29.38 -13.09 34.01
CA ARG C 82 -28.71 -12.45 35.14
C ARG C 82 -27.85 -13.46 35.87
N PRO C 83 -26.77 -12.99 36.51
CA PRO C 83 -26.37 -11.58 36.55
C PRO C 83 -25.60 -11.13 35.31
N HIS C 84 -24.92 -12.04 34.64
CA HIS C 84 -24.15 -11.66 33.46
C HIS C 84 -23.44 -12.83 32.78
N PRO C 85 -23.72 -13.05 31.49
CA PRO C 85 -23.08 -14.15 30.75
C PRO C 85 -21.59 -13.85 30.59
N ALA C 86 -20.79 -14.88 30.35
CA ALA C 86 -19.34 -14.73 30.17
C ALA C 86 -18.75 -16.01 29.60
N ASP C 87 -17.61 -15.92 28.90
CA ASP C 87 -16.91 -14.66 28.63
C ASP C 87 -16.90 -14.32 27.14
N GLY C 88 -16.99 -15.34 26.29
CA GLY C 88 -16.98 -15.10 24.87
C GLY C 88 -16.03 -16.02 24.15
N LEU C 89 -15.95 -15.90 22.83
CA LEU C 89 -15.05 -16.74 22.05
C LEU C 89 -14.22 -15.91 21.07
N VAL C 90 -13.14 -16.49 20.59
CA VAL C 90 -12.28 -15.77 19.66
C VAL C 90 -11.75 -16.69 18.59
N PHE C 91 -11.35 -16.07 17.48
CA PHE C 91 -10.71 -16.78 16.39
C PHE C 91 -9.32 -16.23 16.55
N PHE C 92 -8.30 -17.07 16.47
CA PHE C 92 -6.96 -16.52 16.62
C PHE C 92 -5.88 -17.18 15.80
N ILE C 93 -4.77 -16.46 15.65
CA ILE C 93 -3.61 -16.94 14.94
C ILE C 93 -2.52 -16.80 16.00
N ALA C 94 -1.70 -17.82 16.13
CA ALA C 94 -0.64 -17.77 17.12
C ALA C 94 0.53 -18.68 16.75
N PRO C 95 1.64 -18.59 17.50
CA PRO C 95 2.80 -19.43 17.20
C PRO C 95 2.35 -20.88 17.36
N PRO C 96 2.98 -21.81 16.64
CA PRO C 96 2.54 -23.20 16.81
C PRO C 96 3.00 -23.79 18.14
N ASN C 97 2.38 -24.90 18.53
CA ASN C 97 2.74 -25.58 19.77
C ASN C 97 2.52 -24.76 21.03
N THR C 98 1.47 -23.94 21.07
CA THR C 98 1.21 -23.15 22.26
C THR C 98 0.21 -23.88 23.13
N GLN C 99 0.06 -23.42 24.37
CA GLN C 99 -0.88 -24.02 25.31
C GLN C 99 -1.97 -23.05 25.73
N THR C 100 -3.05 -23.59 26.27
CA THR C 100 -4.16 -22.77 26.71
C THR C 100 -3.71 -21.79 27.77
N GLY C 101 -4.13 -20.53 27.63
CA GLY C 101 -3.76 -19.52 28.60
C GLY C 101 -4.81 -19.37 29.67
N GLU C 102 -4.83 -18.22 30.34
CA GLU C 102 -5.78 -17.95 31.41
C GLU C 102 -7.20 -17.95 30.83
N GLY C 103 -8.17 -18.32 31.66
CA GLY C 103 -9.56 -18.35 31.20
C GLY C 103 -10.23 -17.01 31.37
N GLY C 104 -11.51 -17.04 31.70
CA GLY C 104 -12.26 -15.81 31.91
C GLY C 104 -12.15 -14.80 30.77
N GLY C 105 -11.94 -13.54 31.13
CA GLY C 105 -11.83 -12.48 30.14
C GLY C 105 -10.61 -12.62 29.25
N TYR C 106 -9.84 -13.68 29.43
CA TYR C 106 -8.66 -13.86 28.60
C TYR C 106 -8.88 -14.89 27.51
N PHE C 107 -10.10 -15.41 27.46
CA PHE C 107 -10.52 -16.38 26.45
C PHE C 107 -9.64 -17.60 26.31
N GLY C 108 -8.62 -17.72 27.16
CA GLY C 108 -7.71 -18.84 27.05
C GLY C 108 -6.57 -18.62 26.05
N ILE C 109 -6.38 -17.38 25.60
CA ILE C 109 -5.29 -17.11 24.65
C ILE C 109 -4.17 -16.27 25.27
N TYR C 110 -4.46 -15.65 26.41
CA TYR C 110 -3.47 -14.83 27.08
C TYR C 110 -2.93 -15.50 28.33
N ASN C 111 -1.60 -15.57 28.42
CA ASN C 111 -0.92 -16.19 29.55
C ASN C 111 0.00 -15.17 30.21
N PRO C 112 -0.47 -14.51 31.29
CA PRO C 112 0.31 -13.50 32.01
C PRO C 112 1.73 -14.00 32.31
N LEU C 113 1.81 -15.30 32.60
CA LEU C 113 3.07 -15.99 32.93
C LEU C 113 4.07 -16.02 31.78
N SER C 114 3.81 -16.86 30.77
CA SER C 114 4.69 -16.94 29.62
C SER C 114 3.92 -16.49 28.39
N PRO C 115 3.90 -15.18 28.10
CA PRO C 115 3.17 -14.64 26.95
C PRO C 115 3.73 -14.95 25.56
N TYR C 116 2.82 -15.26 24.65
CA TYR C 116 3.17 -15.48 23.27
C TYR C 116 2.35 -14.48 22.46
N PRO C 117 2.85 -14.07 21.28
CA PRO C 117 2.15 -13.10 20.44
C PRO C 117 0.90 -13.67 19.78
N PHE C 118 -0.06 -12.81 19.45
CA PHE C 118 -1.26 -13.32 18.84
C PHE C 118 -2.13 -12.24 18.20
N VAL C 119 -2.83 -12.64 17.14
CA VAL C 119 -3.79 -11.77 16.47
C VAL C 119 -5.09 -12.53 16.63
N ALA C 120 -6.14 -11.86 17.08
CA ALA C 120 -7.40 -12.53 17.29
C ALA C 120 -8.58 -11.61 17.07
N VAL C 121 -9.69 -12.21 16.66
CA VAL C 121 -10.92 -11.45 16.47
C VAL C 121 -11.81 -12.02 17.58
N GLU C 122 -12.20 -11.16 18.51
CA GLU C 122 -13.00 -11.61 19.64
C GLU C 122 -14.47 -11.27 19.55
N PHE C 123 -15.25 -12.17 20.14
CA PHE C 123 -16.70 -12.04 20.25
C PHE C 123 -16.86 -12.16 21.77
N ASP C 124 -16.81 -10.97 22.37
CA ASP C 124 -16.83 -10.72 23.81
C ASP C 124 -18.23 -10.50 24.37
N THR C 125 -18.58 -11.25 25.41
CA THR C 125 -19.90 -11.12 26.05
C THR C 125 -19.92 -10.52 27.47
N PHE C 126 -18.74 -10.44 28.09
CA PHE C 126 -18.62 -9.90 29.43
C PHE C 126 -17.81 -8.62 29.44
N ARG C 127 -18.28 -7.60 30.16
CA ARG C 127 -17.56 -6.33 30.23
C ARG C 127 -16.51 -6.27 31.33
N ASN C 128 -15.25 -6.54 30.98
CA ASN C 128 -14.15 -6.46 31.95
C ASN C 128 -13.76 -5.00 32.14
N THR C 129 -12.85 -4.72 33.06
CA THR C 129 -12.47 -3.32 33.28
C THR C 129 -11.95 -2.65 32.00
N TRP C 130 -11.22 -3.42 31.20
CA TRP C 130 -10.66 -2.93 29.95
C TRP C 130 -11.64 -2.94 28.76
N ASP C 131 -12.89 -3.33 29.01
CA ASP C 131 -13.90 -3.42 27.95
C ASP C 131 -14.91 -2.31 27.84
N PRO C 132 -15.42 -2.11 26.62
CA PRO C 132 -16.43 -1.11 26.27
C PRO C 132 -17.75 -1.88 26.43
N GLN C 133 -18.89 -1.24 26.21
CA GLN C 133 -20.18 -1.94 26.34
C GLN C 133 -20.12 -3.28 25.62
N ILE C 134 -20.87 -4.26 26.10
CA ILE C 134 -20.88 -5.57 25.45
C ILE C 134 -22.30 -5.94 25.09
N PRO C 135 -22.48 -6.90 24.18
CA PRO C 135 -21.43 -7.65 23.48
C PRO C 135 -20.74 -6.75 22.46
N HIS C 136 -19.55 -7.13 22.03
CA HIS C 136 -18.85 -6.36 21.01
C HIS C 136 -17.86 -7.23 20.27
N ILE C 137 -17.60 -6.87 19.02
CA ILE C 137 -16.61 -7.58 18.23
C ILE C 137 -15.37 -6.76 18.46
N GLY C 138 -14.22 -7.42 18.62
CA GLY C 138 -13.01 -6.68 18.86
C GLY C 138 -11.85 -7.29 18.11
N ILE C 139 -10.90 -6.45 17.70
CA ILE C 139 -9.72 -6.92 17.01
C ILE C 139 -8.59 -6.77 18.01
N ASP C 140 -8.00 -7.90 18.40
CA ASP C 140 -6.92 -7.95 19.39
C ASP C 140 -5.54 -8.27 18.82
N VAL C 141 -4.52 -7.54 19.25
CA VAL C 141 -3.15 -7.80 18.81
C VAL C 141 -2.27 -7.90 20.05
N ASN C 142 -1.83 -9.11 20.37
CA ASN C 142 -0.98 -9.36 21.53
C ASN C 142 -1.61 -8.96 22.86
N SER C 143 -2.86 -8.54 22.84
CA SER C 143 -3.53 -8.12 24.05
C SER C 143 -5.03 -8.26 23.92
N VAL C 144 -5.70 -8.48 25.04
CA VAL C 144 -7.15 -8.60 25.00
C VAL C 144 -7.77 -7.21 25.05
N ILE C 145 -6.94 -6.17 25.01
CA ILE C 145 -7.46 -4.80 24.99
C ILE C 145 -7.50 -4.45 23.51
N SER C 146 -8.66 -4.66 22.90
CA SER C 146 -8.87 -4.44 21.49
C SER C 146 -8.42 -3.07 20.95
N THR C 147 -7.92 -3.09 19.71
CA THR C 147 -7.47 -1.87 19.07
C THR C 147 -8.69 -1.19 18.46
N LYS C 148 -9.69 -1.99 18.13
CA LYS C 148 -10.90 -1.48 17.53
C LYS C 148 -12.06 -2.34 18.00
N THR C 149 -13.19 -1.72 18.35
CA THR C 149 -14.35 -2.52 18.77
C THR C 149 -15.62 -1.95 18.18
N VAL C 150 -16.64 -2.79 18.08
CA VAL C 150 -17.92 -2.36 17.56
C VAL C 150 -19.00 -3.16 18.30
N PRO C 151 -20.04 -2.48 18.79
CA PRO C 151 -21.11 -3.19 19.51
C PRO C 151 -22.02 -3.98 18.61
N PHE C 152 -22.64 -5.01 19.16
CA PHE C 152 -23.57 -5.84 18.41
C PHE C 152 -24.52 -6.53 19.37
N THR C 153 -25.74 -6.76 18.91
CA THR C 153 -26.74 -7.44 19.72
C THR C 153 -26.75 -8.91 19.31
N LEU C 154 -26.59 -9.79 20.31
CA LEU C 154 -26.54 -11.21 20.06
C LEU C 154 -27.90 -11.87 19.83
N ASP C 155 -27.93 -12.86 18.96
CA ASP C 155 -29.14 -13.60 18.69
C ASP C 155 -28.98 -14.81 19.60
N ASN C 156 -29.50 -14.71 20.83
CA ASN C 156 -29.39 -15.78 21.81
C ASN C 156 -29.76 -17.15 21.27
N GLY C 157 -28.78 -18.05 21.19
CA GLY C 157 -29.04 -19.39 20.70
C GLY C 157 -29.20 -19.47 19.19
N GLY C 158 -29.22 -18.30 18.54
CA GLY C 158 -29.36 -18.28 17.09
C GLY C 158 -28.03 -18.57 16.44
N ILE C 159 -28.01 -18.64 15.11
CA ILE C 159 -26.78 -18.91 14.38
C ILE C 159 -26.17 -17.60 13.92
N ALA C 160 -24.84 -17.52 13.97
CA ALA C 160 -24.11 -16.34 13.53
C ALA C 160 -23.13 -16.73 12.44
N ASN C 161 -23.10 -15.95 11.37
CA ASN C 161 -22.15 -16.20 10.29
C ASN C 161 -21.08 -15.13 10.34
N VAL C 162 -19.84 -15.57 10.35
CA VAL C 162 -18.70 -14.66 10.41
C VAL C 162 -17.81 -14.82 9.17
N VAL C 163 -17.26 -13.70 8.71
CA VAL C 163 -16.34 -13.72 7.57
C VAL C 163 -15.17 -12.84 7.98
N ILE C 164 -13.98 -13.42 8.03
CA ILE C 164 -12.80 -12.65 8.37
C ILE C 164 -11.91 -12.71 7.16
N LYS C 165 -11.49 -11.55 6.70
CA LYS C 165 -10.65 -11.47 5.51
C LYS C 165 -9.44 -10.62 5.77
N TYR C 166 -8.28 -11.06 5.26
CA TYR C 166 -7.05 -10.32 5.42
C TYR C 166 -6.42 -10.08 4.07
N ASP C 167 -6.25 -8.82 3.72
CA ASP C 167 -5.65 -8.47 2.45
C ASP C 167 -4.24 -7.97 2.77
N ALA C 168 -3.24 -8.76 2.40
CA ALA C 168 -1.84 -8.42 2.67
C ALA C 168 -1.37 -7.13 2.03
N SER C 169 -1.77 -6.88 0.80
CA SER C 169 -1.34 -5.67 0.12
C SER C 169 -1.80 -4.38 0.80
N THR C 170 -2.91 -4.42 1.53
CA THR C 170 -3.35 -3.20 2.22
C THR C 170 -3.22 -3.35 3.73
N LYS C 171 -2.95 -4.57 4.17
CA LYS C 171 -2.82 -4.87 5.58
C LYS C 171 -4.14 -4.69 6.29
N ILE C 172 -5.23 -4.73 5.54
CA ILE C 172 -6.53 -4.56 6.16
C ILE C 172 -7.15 -5.89 6.59
N LEU C 173 -7.51 -5.96 7.86
CA LEU C 173 -8.17 -7.14 8.43
C LEU C 173 -9.62 -6.70 8.60
N HIS C 174 -10.54 -7.23 7.80
CA HIS C 174 -11.94 -6.87 7.99
C HIS C 174 -12.79 -8.06 8.33
N VAL C 175 -13.65 -7.88 9.32
CA VAL C 175 -14.54 -8.95 9.75
C VAL C 175 -15.99 -8.55 9.61
N VAL C 176 -16.82 -9.55 9.31
CA VAL C 176 -18.24 -9.33 9.15
C VAL C 176 -19.01 -10.32 10.01
N LEU C 177 -19.98 -9.82 10.76
CA LEU C 177 -20.80 -10.66 11.61
C LEU C 177 -22.23 -10.53 11.17
N VAL C 178 -22.84 -11.63 10.77
CA VAL C 178 -24.24 -11.60 10.35
C VAL C 178 -25.11 -12.61 11.11
N PHE C 179 -26.29 -12.16 11.49
CA PHE C 179 -27.27 -12.98 12.19
C PHE C 179 -28.44 -13.13 11.21
N PRO C 180 -28.38 -14.14 10.35
CA PRO C 180 -29.43 -14.38 9.35
C PRO C 180 -30.86 -14.29 9.86
N SER C 181 -31.14 -14.82 11.05
CA SER C 181 -32.50 -14.75 11.55
C SER C 181 -32.96 -13.34 11.84
N LEU C 182 -32.03 -12.45 12.21
CA LEU C 182 -32.41 -11.09 12.50
C LEU C 182 -32.07 -10.15 11.33
N GLY C 183 -31.38 -10.68 10.33
CA GLY C 183 -31.01 -9.87 9.19
C GLY C 183 -30.08 -8.73 9.55
N THR C 184 -29.51 -8.76 10.74
CA THR C 184 -28.58 -7.74 11.19
C THR C 184 -27.16 -7.99 10.69
N ILE C 185 -26.46 -6.89 10.39
CA ILE C 185 -25.10 -6.94 9.85
C ILE C 185 -24.16 -6.02 10.65
N TYR C 186 -23.02 -6.56 11.06
CA TYR C 186 -22.04 -5.78 11.81
C TYR C 186 -20.70 -5.91 11.12
N THR C 187 -19.98 -4.79 11.04
CA THR C 187 -18.71 -4.80 10.35
C THR C 187 -17.63 -4.00 11.10
N ILE C 188 -16.40 -4.51 11.04
CA ILE C 188 -15.29 -3.83 11.68
C ILE C 188 -13.99 -4.15 10.93
N ALA C 189 -13.07 -3.19 10.89
CA ALA C 189 -11.80 -3.41 10.20
C ALA C 189 -10.69 -2.57 10.82
N ASP C 190 -9.45 -3.03 10.65
CA ASP C 190 -8.32 -2.29 11.18
C ASP C 190 -7.08 -2.74 10.44
N ILE C 191 -6.02 -1.95 10.56
CA ILE C 191 -4.76 -2.27 9.90
C ILE C 191 -3.89 -3.08 10.84
N VAL C 192 -3.40 -4.21 10.33
CA VAL C 192 -2.58 -5.08 11.12
C VAL C 192 -1.48 -5.66 10.24
N ASP C 193 -0.23 -5.60 10.73
CA ASP C 193 0.85 -6.15 9.94
C ASP C 193 1.26 -7.46 10.58
N LEU C 194 0.79 -8.55 10.01
CA LEU C 194 1.10 -9.88 10.53
C LEU C 194 2.60 -10.13 10.64
N LYS C 195 3.31 -9.73 9.58
CA LYS C 195 4.76 -9.90 9.46
C LYS C 195 5.45 -9.24 10.63
N GLN C 196 4.82 -8.20 11.16
CA GLN C 196 5.41 -7.47 12.26
C GLN C 196 5.13 -8.03 13.65
N VAL C 197 4.09 -8.85 13.80
CA VAL C 197 3.76 -9.40 15.10
C VAL C 197 3.83 -10.91 15.23
N LEU C 198 3.74 -11.63 14.12
CA LEU C 198 3.77 -13.07 14.17
C LEU C 198 4.94 -13.75 13.43
N PRO C 199 5.24 -15.00 13.79
CA PRO C 199 6.32 -15.76 13.15
C PRO C 199 5.84 -16.24 11.79
N GLU C 200 6.76 -16.76 10.97
CA GLU C 200 6.39 -17.23 9.62
C GLU C 200 5.31 -18.32 9.64
N SER C 201 5.44 -19.29 10.54
CA SER C 201 4.45 -20.35 10.64
C SER C 201 3.63 -20.17 11.90
N VAL C 202 2.34 -20.44 11.79
CA VAL C 202 1.43 -20.25 12.92
C VAL C 202 0.32 -21.30 12.96
N ASN C 203 -0.47 -21.26 14.03
CA ASN C 203 -1.63 -22.13 14.18
C ASN C 203 -2.84 -21.20 14.13
N VAL C 204 -3.95 -21.70 13.63
CA VAL C 204 -5.17 -20.91 13.57
C VAL C 204 -6.22 -21.72 14.29
N GLY C 205 -7.17 -21.04 14.93
CA GLY C 205 -8.19 -21.78 15.66
C GLY C 205 -9.14 -20.94 16.47
N PHE C 206 -9.85 -21.61 17.38
CA PHE C 206 -10.81 -20.94 18.23
C PHE C 206 -10.49 -21.17 19.70
N SER C 207 -10.98 -20.26 20.54
CA SER C 207 -10.76 -20.37 21.98
C SER C 207 -11.91 -19.64 22.64
N ALA C 208 -12.41 -20.20 23.73
CA ALA C 208 -13.53 -19.59 24.44
C ALA C 208 -13.38 -19.81 25.93
N ALA C 209 -14.23 -19.16 26.72
CA ALA C 209 -14.16 -19.32 28.16
C ALA C 209 -15.42 -18.83 28.85
N THR C 210 -15.77 -19.50 29.94
CA THR C 210 -16.95 -19.15 30.71
C THR C 210 -16.50 -18.43 31.98
N GLY C 211 -17.46 -17.94 32.75
CA GLY C 211 -17.15 -17.23 33.97
C GLY C 211 -16.06 -17.86 34.82
N ASP C 212 -15.13 -17.02 35.28
CA ASP C 212 -14.02 -17.44 36.12
C ASP C 212 -14.55 -17.58 37.56
N PRO C 213 -14.07 -18.59 38.31
CA PRO C 213 -14.53 -18.78 39.69
C PRO C 213 -14.38 -17.55 40.59
N SER C 214 -13.31 -16.80 40.38
CA SER C 214 -13.07 -15.59 41.19
C SER C 214 -14.25 -14.61 41.14
N GLY C 215 -15.07 -14.71 40.10
CA GLY C 215 -16.22 -13.83 39.98
C GLY C 215 -17.33 -14.27 40.90
N LYS C 216 -17.16 -15.47 41.46
CA LYS C 216 -18.12 -16.05 42.39
C LYS C 216 -19.57 -16.07 41.89
N GLN C 217 -19.73 -16.28 40.59
CA GLN C 217 -21.04 -16.32 39.97
C GLN C 217 -21.13 -17.50 39.00
N ARG C 218 -21.77 -18.58 39.43
CA ARG C 218 -21.88 -19.75 38.57
C ARG C 218 -22.77 -19.49 37.35
N ASN C 219 -23.62 -18.47 37.44
CA ASN C 219 -24.50 -18.13 36.33
C ASN C 219 -23.70 -17.44 35.20
N ALA C 220 -22.51 -16.94 35.54
CA ALA C 220 -21.66 -16.28 34.56
C ALA C 220 -21.17 -17.31 33.54
N THR C 221 -22.06 -17.73 32.64
CA THR C 221 -21.67 -18.72 31.65
C THR C 221 -22.58 -18.71 30.44
N GLU C 222 -22.22 -19.51 29.44
CA GLU C 222 -22.96 -19.60 28.18
C GLU C 222 -22.28 -20.68 27.34
N THR C 223 -22.85 -20.94 26.16
CA THR C 223 -22.23 -21.94 25.28
C THR C 223 -21.36 -21.20 24.27
N HIS C 224 -20.47 -21.94 23.64
CA HIS C 224 -19.56 -21.37 22.65
C HIS C 224 -19.37 -22.46 21.61
N ASP C 225 -20.41 -22.65 20.79
CA ASP C 225 -20.37 -23.68 19.78
C ASP C 225 -20.00 -23.19 18.40
N ILE C 226 -19.16 -23.98 17.73
CA ILE C 226 -18.73 -23.70 16.36
C ILE C 226 -19.42 -24.75 15.47
N LEU C 227 -20.23 -24.27 14.53
CA LEU C 227 -20.97 -25.15 13.65
C LEU C 227 -20.21 -25.62 12.41
N SER C 228 -19.53 -24.70 11.73
CA SER C 228 -18.78 -25.04 10.51
C SER C 228 -17.58 -24.10 10.38
N TRP C 229 -16.61 -24.47 9.56
CA TRP C 229 -15.42 -23.66 9.45
C TRP C 229 -14.60 -23.90 8.20
N SER C 230 -14.32 -22.84 7.45
CA SER C 230 -13.51 -22.96 6.24
C SER C 230 -12.39 -21.93 6.34
N PHE C 231 -11.23 -22.25 5.81
CA PHE C 231 -10.08 -21.36 5.85
C PHE C 231 -9.29 -21.49 4.54
N SER C 232 -8.77 -20.35 4.07
CA SER C 232 -7.99 -20.33 2.84
C SER C 232 -6.90 -19.26 2.97
N ALA C 233 -5.69 -19.61 2.55
CA ALA C 233 -4.58 -18.68 2.63
C ALA C 233 -3.69 -18.78 1.39
N SER C 234 -3.19 -17.64 0.92
CA SER C 234 -2.33 -17.62 -0.24
C SER C 234 -1.05 -16.84 0.01
N LEU C 235 0.08 -17.49 -0.20
CA LEU C 235 1.37 -16.84 0.00
C LEU C 235 2.05 -16.86 -1.36
N PRO C 236 1.98 -15.73 -2.08
CA PRO C 236 2.61 -15.66 -3.40
C PRO C 236 4.10 -15.92 -3.34
N GLY C 237 4.59 -16.74 -4.27
CA GLY C 237 5.99 -17.08 -4.33
C GLY C 237 6.54 -17.99 -3.24
N LYS D 1 -20.29 18.07 14.62
CA LYS D 1 -21.54 18.03 13.81
C LYS D 1 -21.88 16.59 13.38
N THR D 2 -23.15 16.22 13.50
CA THR D 2 -23.57 14.87 13.11
C THR D 2 -24.84 14.84 12.25
N ILE D 3 -24.64 14.83 10.94
CA ILE D 3 -25.75 14.79 10.00
C ILE D 3 -26.16 13.34 9.75
N SER D 4 -27.47 13.07 9.77
CA SER D 4 -27.96 11.72 9.53
C SER D 4 -29.42 11.68 9.08
N PHE D 5 -29.66 11.02 7.95
CA PHE D 5 -31.01 10.89 7.40
C PHE D 5 -31.38 9.43 7.18
N ASN D 6 -32.61 9.19 6.75
CA ASN D 6 -33.08 7.83 6.53
C ASN D 6 -34.29 7.74 5.59
N PHE D 7 -34.49 6.57 5.00
CA PHE D 7 -35.58 6.31 4.07
C PHE D 7 -35.94 4.83 4.20
N ASN D 8 -37.20 4.52 4.49
CA ASN D 8 -37.59 3.12 4.61
C ASN D 8 -38.16 2.71 3.28
N GLN D 9 -38.39 3.74 2.47
CA GLN D 9 -38.91 3.61 1.14
C GLN D 9 -38.97 5.06 0.72
N PHE D 10 -39.01 5.28 -0.60
CA PHE D 10 -39.05 6.62 -1.13
C PHE D 10 -40.47 7.00 -1.49
N HIS D 11 -40.82 8.25 -1.30
CA HIS D 11 -42.17 8.72 -1.63
C HIS D 11 -42.09 9.64 -2.83
N GLN D 12 -42.98 9.40 -3.80
CA GLN D 12 -43.02 10.23 -4.99
C GLN D 12 -43.03 11.68 -4.55
N ASN D 13 -42.29 12.52 -5.25
CA ASN D 13 -42.24 13.92 -4.88
C ASN D 13 -41.66 14.04 -3.47
N GLU D 14 -40.46 13.49 -3.29
CA GLU D 14 -39.74 13.49 -2.04
C GLU D 14 -38.83 14.72 -2.01
N GLU D 15 -39.05 15.59 -1.03
CA GLU D 15 -38.28 16.83 -0.91
C GLU D 15 -36.76 16.67 -0.76
N GLN D 16 -36.36 15.77 0.13
CA GLN D 16 -34.96 15.52 0.43
C GLN D 16 -34.05 15.08 -0.73
N LEU D 17 -34.65 14.50 -1.76
CA LEU D 17 -33.87 14.02 -2.88
C LEU D 17 -33.91 14.89 -4.12
N LYS D 18 -32.81 14.85 -4.87
CA LYS D 18 -32.70 15.59 -6.11
C LYS D 18 -32.50 14.52 -7.17
N LEU D 19 -33.56 14.17 -7.88
CA LEU D 19 -33.46 13.17 -8.92
C LEU D 19 -32.95 13.81 -10.19
N GLN D 20 -32.14 13.09 -10.95
CA GLN D 20 -31.57 13.61 -12.18
C GLN D 20 -31.75 12.65 -13.33
N ARG D 21 -31.95 13.22 -14.51
CA ARG D 21 -32.14 12.43 -15.72
C ARG D 21 -33.29 11.44 -15.60
N ASP D 22 -33.02 10.18 -15.91
CA ASP D 22 -34.04 9.14 -15.86
C ASP D 22 -34.52 8.68 -14.50
N ALA D 23 -33.85 9.13 -13.44
CA ALA D 23 -34.24 8.72 -12.10
C ALA D 23 -35.67 9.11 -11.75
N ARG D 24 -36.46 8.14 -11.27
CA ARG D 24 -37.82 8.42 -10.87
C ARG D 24 -38.20 7.51 -9.70
N ILE D 25 -39.30 7.86 -9.02
CA ILE D 25 -39.77 7.07 -7.88
C ILE D 25 -41.08 6.41 -8.26
N SER D 26 -41.08 5.08 -8.32
CA SER D 26 -42.29 4.34 -8.70
C SER D 26 -43.41 4.57 -7.70
N SER D 27 -44.63 4.29 -8.13
CA SER D 27 -45.80 4.47 -7.28
C SER D 27 -45.79 3.58 -6.06
N ASN D 28 -45.07 2.46 -6.13
CA ASN D 28 -45.01 1.55 -4.99
C ASN D 28 -43.79 1.73 -4.09
N SER D 29 -43.35 2.99 -3.97
CA SER D 29 -42.24 3.35 -3.08
C SER D 29 -40.77 3.10 -3.37
N VAL D 30 -40.42 2.64 -4.56
CA VAL D 30 -39.02 2.37 -4.86
C VAL D 30 -38.38 3.45 -5.74
N LEU D 31 -37.07 3.62 -5.57
CA LEU D 31 -36.30 4.60 -6.35
C LEU D 31 -35.70 3.87 -7.54
N GLU D 32 -36.20 4.20 -8.73
CA GLU D 32 -35.72 3.57 -9.95
C GLU D 32 -34.73 4.48 -10.63
N LEU D 33 -33.45 4.15 -10.49
CA LEU D 33 -32.40 4.94 -11.08
C LEU D 33 -32.45 4.95 -12.59
N THR D 34 -32.67 3.77 -13.18
CA THR D 34 -32.75 3.67 -14.63
C THR D 34 -34.19 3.46 -15.09
N LYS D 35 -34.52 3.97 -16.27
CA LYS D 35 -35.86 3.87 -16.82
C LYS D 35 -36.38 2.46 -17.07
N VAL D 36 -37.64 2.25 -16.70
CA VAL D 36 -38.32 0.97 -16.91
C VAL D 36 -39.73 1.31 -17.35
N VAL D 37 -40.08 0.94 -18.58
CA VAL D 37 -41.41 1.23 -19.10
C VAL D 37 -42.25 -0.03 -19.24
N ASN D 38 -43.39 0.00 -18.56
CA ASN D 38 -44.33 -1.12 -18.55
C ASN D 38 -43.66 -2.38 -18.04
N GLY D 39 -42.99 -2.24 -16.90
CA GLY D 39 -42.32 -3.36 -16.27
C GLY D 39 -41.08 -3.88 -16.97
N VAL D 40 -40.61 -3.17 -17.99
CA VAL D 40 -39.44 -3.62 -18.72
C VAL D 40 -38.34 -2.56 -18.77
N PRO D 41 -37.12 -2.93 -18.34
CA PRO D 41 -36.00 -1.99 -18.35
C PRO D 41 -35.53 -1.71 -19.78
N THR D 42 -35.25 -0.45 -20.08
CA THR D 42 -34.77 -0.10 -21.42
C THR D 42 -33.29 0.25 -21.37
N TRP D 43 -32.66 0.27 -22.53
CA TRP D 43 -31.25 0.59 -22.62
C TRP D 43 -31.13 2.09 -22.75
N ASN D 44 -29.90 2.56 -22.96
CA ASN D 44 -29.63 3.99 -23.12
C ASN D 44 -30.26 4.83 -22.01
N SER D 45 -30.20 4.32 -20.79
CA SER D 45 -30.75 5.04 -19.64
C SER D 45 -29.69 5.33 -18.60
N THR D 46 -29.82 6.49 -17.97
CA THR D 46 -28.89 6.95 -16.96
C THR D 46 -29.64 7.85 -15.98
N GLY D 47 -29.46 7.62 -14.68
CA GLY D 47 -30.13 8.44 -13.69
C GLY D 47 -29.42 8.42 -12.34
N ARG D 48 -29.56 9.50 -11.59
CA ARG D 48 -28.94 9.61 -10.28
C ARG D 48 -29.91 10.25 -9.28
N ALA D 49 -29.65 9.99 -8.00
CA ALA D 49 -30.45 10.54 -6.91
C ALA D 49 -29.41 11.04 -5.93
N LEU D 50 -29.52 12.31 -5.55
CA LEU D 50 -28.58 12.92 -4.61
C LEU D 50 -29.37 13.38 -3.40
N TYR D 51 -28.73 13.42 -2.25
CA TYR D 51 -29.40 13.92 -1.07
C TYR D 51 -29.39 15.44 -1.25
N ALA D 52 -30.56 16.06 -1.20
CA ALA D 52 -30.71 17.52 -1.40
C ALA D 52 -29.65 18.40 -0.74
N LYS D 53 -29.39 18.13 0.52
CA LYS D 53 -28.44 18.92 1.27
C LYS D 53 -27.02 18.40 1.15
N PRO D 54 -26.04 19.30 1.20
CA PRO D 54 -24.65 18.86 1.11
C PRO D 54 -24.18 18.42 2.49
N VAL D 55 -23.23 17.50 2.51
CA VAL D 55 -22.69 16.98 3.75
C VAL D 55 -21.23 17.38 3.83
N GLN D 56 -20.74 17.66 5.04
CA GLN D 56 -19.35 18.06 5.19
C GLN D 56 -18.49 16.89 5.62
N VAL D 57 -17.63 16.41 4.72
CA VAL D 57 -16.80 15.27 5.07
C VAL D 57 -15.51 15.65 5.78
N TRP D 58 -15.16 16.94 5.74
CA TRP D 58 -13.97 17.39 6.46
C TRP D 58 -13.94 18.90 6.63
N ASP D 59 -13.22 19.33 7.66
CA ASP D 59 -13.10 20.75 8.00
C ASP D 59 -11.65 21.19 7.87
N SER D 60 -11.42 22.14 6.96
CA SER D 60 -10.09 22.67 6.70
C SER D 60 -9.52 23.44 7.90
N THR D 61 -10.41 23.88 8.78
CA THR D 61 -10.03 24.62 9.97
C THR D 61 -9.31 23.72 10.96
N THR D 62 -9.96 22.61 11.30
CA THR D 62 -9.42 21.66 12.26
C THR D 62 -8.61 20.55 11.60
N GLY D 63 -8.80 20.36 10.30
CA GLY D 63 -8.08 19.33 9.58
C GLY D 63 -8.73 17.96 9.75
N ASN D 64 -9.72 17.90 10.63
CA ASN D 64 -10.45 16.67 10.93
C ASN D 64 -11.28 16.14 9.75
N VAL D 65 -11.38 14.82 9.67
CA VAL D 65 -12.16 14.19 8.63
C VAL D 65 -13.31 13.40 9.26
N ALA D 66 -14.46 13.44 8.62
CA ALA D 66 -15.63 12.74 9.11
C ALA D 66 -15.58 11.24 8.91
N SER D 67 -16.27 10.51 9.78
CA SER D 67 -16.37 9.07 9.65
C SER D 67 -17.83 8.91 9.28
N PHE D 68 -18.16 7.86 8.54
CA PHE D 68 -19.55 7.70 8.20
C PHE D 68 -19.94 6.25 7.92
N GLU D 69 -21.24 6.01 8.02
CA GLU D 69 -21.80 4.70 7.77
C GLU D 69 -23.08 4.93 6.98
N THR D 70 -23.28 4.14 5.95
CA THR D 70 -24.49 4.28 5.15
C THR D 70 -24.95 2.87 4.80
N ARG D 71 -26.26 2.65 4.88
CA ARG D 71 -26.82 1.35 4.55
C ARG D 71 -27.95 1.53 3.56
N PHE D 72 -28.05 0.59 2.63
CA PHE D 72 -29.13 0.65 1.68
C PHE D 72 -29.42 -0.73 1.11
N SER D 73 -30.59 -0.85 0.50
CA SER D 73 -31.00 -2.10 -0.10
C SER D 73 -31.38 -1.83 -1.54
N PHE D 74 -30.88 -2.66 -2.44
CA PHE D 74 -31.19 -2.47 -3.83
C PHE D 74 -31.61 -3.79 -4.45
N SER D 75 -32.06 -3.73 -5.68
CA SER D 75 -32.44 -4.93 -6.39
C SER D 75 -32.19 -4.71 -7.87
N ILE D 76 -31.54 -5.70 -8.47
CA ILE D 76 -31.25 -5.64 -9.88
C ILE D 76 -31.88 -6.85 -10.52
N ARG D 77 -32.86 -6.60 -11.38
CA ARG D 77 -33.54 -7.67 -12.09
C ARG D 77 -33.04 -7.66 -13.54
N GLN D 78 -32.51 -8.81 -13.97
CA GLN D 78 -31.99 -8.96 -15.30
C GLN D 78 -32.92 -9.89 -16.09
N PRO D 79 -33.87 -9.30 -16.83
CA PRO D 79 -34.84 -10.01 -17.66
C PRO D 79 -34.24 -10.73 -18.86
N PHE D 80 -33.21 -10.15 -19.45
CA PHE D 80 -32.59 -10.73 -20.64
C PHE D 80 -31.21 -11.26 -20.35
N PRO D 81 -31.12 -12.55 -19.97
CA PRO D 81 -29.82 -13.16 -19.66
C PRO D 81 -28.80 -12.94 -20.78
N ARG D 82 -29.28 -12.81 -22.01
CA ARG D 82 -28.41 -12.58 -23.15
C ARG D 82 -28.80 -11.31 -23.89
N PRO D 83 -27.82 -10.69 -24.57
CA PRO D 83 -26.46 -11.19 -24.60
C PRO D 83 -25.68 -10.85 -23.34
N HIS D 84 -26.05 -9.76 -22.68
CA HIS D 84 -25.32 -9.33 -21.49
C HIS D 84 -25.94 -8.11 -20.79
N PRO D 85 -26.39 -8.30 -19.53
CA PRO D 85 -26.99 -7.21 -18.77
C PRO D 85 -25.98 -6.07 -18.61
N ALA D 86 -26.46 -4.85 -18.37
CA ALA D 86 -25.58 -3.71 -18.22
C ALA D 86 -26.36 -2.52 -17.64
N ASP D 87 -25.69 -1.60 -16.95
CA ASP D 87 -24.24 -1.63 -16.68
C ASP D 87 -23.95 -1.78 -15.18
N GLY D 88 -24.86 -1.31 -14.34
CA GLY D 88 -24.67 -1.42 -12.91
C GLY D 88 -24.98 -0.12 -12.21
N LEU D 89 -24.83 -0.12 -10.89
CA LEU D 89 -25.10 1.08 -10.11
C LEU D 89 -23.98 1.36 -9.15
N VAL D 90 -23.91 2.60 -8.68
CA VAL D 90 -22.87 2.98 -7.73
C VAL D 90 -23.38 3.94 -6.69
N PHE D 91 -22.67 3.95 -5.56
CA PHE D 91 -22.96 4.87 -4.48
C PHE D 91 -21.76 5.78 -4.63
N PHE D 92 -21.94 7.09 -4.57
CA PHE D 92 -20.78 7.94 -4.72
C PHE D 92 -20.79 9.23 -3.93
N ILE D 93 -19.60 9.79 -3.76
CA ILE D 93 -19.40 11.04 -3.07
C ILE D 93 -18.72 11.89 -4.12
N ALA D 94 -19.19 13.13 -4.28
CA ALA D 94 -18.61 14.01 -5.28
C ALA D 94 -18.78 15.49 -4.91
N PRO D 95 -18.11 16.38 -5.66
CA PRO D 95 -18.24 17.81 -5.37
C PRO D 95 -19.71 18.17 -5.54
N PRO D 96 -20.18 19.20 -4.84
CA PRO D 96 -21.59 19.55 -5.01
C PRO D 96 -21.84 20.18 -6.38
N ASN D 97 -23.09 20.13 -6.83
CA ASN D 97 -23.47 20.73 -8.11
C ASN D 97 -22.73 20.19 -9.35
N THR D 98 -22.55 18.88 -9.44
CA THR D 98 -21.92 18.28 -10.62
C THR D 98 -23.08 17.70 -11.44
N GLN D 99 -22.93 17.73 -12.76
CA GLN D 99 -23.99 17.20 -13.60
C GLN D 99 -23.65 15.76 -14.00
N THR D 100 -24.67 15.00 -14.40
CA THR D 100 -24.48 13.60 -14.80
C THR D 100 -23.37 13.46 -15.84
N GLY D 101 -22.55 12.42 -15.68
CA GLY D 101 -21.46 12.19 -16.60
C GLY D 101 -21.89 11.23 -17.70
N GLU D 102 -20.91 10.60 -18.33
CA GLU D 102 -21.15 9.65 -19.42
C GLU D 102 -21.96 8.48 -18.89
N GLY D 103 -22.76 7.86 -19.74
CA GLY D 103 -23.55 6.73 -19.33
C GLY D 103 -22.79 5.42 -19.50
N GLY D 104 -23.50 4.36 -19.86
CA GLY D 104 -22.87 3.07 -20.05
C GLY D 104 -22.02 2.61 -18.89
N GLY D 105 -20.83 2.10 -19.21
CA GLY D 105 -19.93 1.60 -18.19
C GLY D 105 -19.40 2.68 -17.27
N TYR D 106 -19.85 3.91 -17.45
CA TYR D 106 -19.40 5.02 -16.60
C TYR D 106 -20.43 5.37 -15.53
N PHE D 107 -21.53 4.62 -15.54
CA PHE D 107 -22.60 4.78 -14.55
C PHE D 107 -23.13 6.19 -14.41
N GLY D 108 -22.65 7.11 -15.23
CA GLY D 108 -23.11 8.48 -15.14
C GLY D 108 -22.34 9.32 -14.11
N ILE D 109 -21.21 8.82 -13.63
CA ILE D 109 -20.42 9.59 -12.65
C ILE D 109 -19.10 10.05 -13.21
N TYR D 110 -18.69 9.49 -14.34
CA TYR D 110 -17.42 9.87 -14.95
C TYR D 110 -17.65 10.70 -16.20
N ASN D 111 -16.99 11.85 -16.26
CA ASN D 111 -17.10 12.71 -17.43
C ASN D 111 -15.71 12.96 -18.00
N PRO D 112 -15.34 12.20 -19.05
CA PRO D 112 -14.04 12.31 -19.71
C PRO D 112 -13.66 13.71 -20.13
N LEU D 113 -14.57 14.34 -20.86
CA LEU D 113 -14.35 15.69 -21.33
C LEU D 113 -13.82 16.47 -20.14
N SER D 114 -14.68 16.60 -19.12
CA SER D 114 -14.32 17.33 -17.91
C SER D 114 -14.58 16.49 -16.67
N PRO D 115 -13.53 15.84 -16.15
CA PRO D 115 -13.69 15.02 -14.95
C PRO D 115 -13.75 15.79 -13.63
N TYR D 116 -14.59 15.32 -12.72
CA TYR D 116 -14.67 15.91 -11.40
C TYR D 116 -14.25 14.79 -10.44
N PRO D 117 -13.53 15.12 -9.37
CA PRO D 117 -13.11 14.09 -8.42
C PRO D 117 -14.28 13.39 -7.77
N PHE D 118 -14.13 12.12 -7.48
CA PHE D 118 -15.22 11.41 -6.84
C PHE D 118 -14.73 10.09 -6.27
N VAL D 119 -15.44 9.59 -5.25
CA VAL D 119 -15.14 8.30 -4.64
C VAL D 119 -16.43 7.55 -4.80
N ALA D 120 -16.36 6.25 -5.06
CA ALA D 120 -17.57 5.45 -5.27
C ALA D 120 -17.39 3.98 -5.02
N VAL D 121 -18.49 3.29 -4.74
CA VAL D 121 -18.47 1.85 -4.55
C VAL D 121 -19.37 1.36 -5.67
N GLU D 122 -18.82 0.48 -6.51
CA GLU D 122 -19.56 -0.02 -7.66
C GLU D 122 -19.95 -1.46 -7.58
N PHE D 123 -21.12 -1.72 -8.14
CA PHE D 123 -21.70 -3.05 -8.26
C PHE D 123 -21.85 -3.10 -9.77
N ASP D 124 -20.79 -3.58 -10.39
CA ASP D 124 -20.63 -3.70 -11.83
C ASP D 124 -21.22 -4.98 -12.44
N THR D 125 -22.03 -4.79 -13.48
CA THR D 125 -22.69 -5.88 -14.16
C THR D 125 -22.16 -6.19 -15.57
N PHE D 126 -21.58 -5.18 -16.24
CA PHE D 126 -21.03 -5.38 -17.58
C PHE D 126 -19.52 -5.39 -17.58
N ARG D 127 -18.89 -6.27 -18.34
CA ARG D 127 -17.45 -6.23 -18.32
C ARG D 127 -16.84 -5.42 -19.45
N ASN D 128 -16.21 -4.30 -19.09
CA ASN D 128 -15.55 -3.44 -20.05
C ASN D 128 -14.11 -3.88 -20.24
N THR D 129 -13.42 -3.22 -21.16
CA THR D 129 -12.04 -3.52 -21.49
C THR D 129 -11.11 -3.39 -20.28
N TRP D 130 -11.55 -2.65 -19.28
CA TRP D 130 -10.75 -2.40 -18.08
C TRP D 130 -11.31 -3.18 -16.89
N ASP D 131 -12.24 -4.09 -17.17
CA ASP D 131 -12.92 -4.87 -16.13
C ASP D 131 -12.52 -6.32 -15.94
N PRO D 132 -12.61 -6.80 -14.68
CA PRO D 132 -12.31 -8.19 -14.32
C PRO D 132 -13.63 -8.94 -14.51
N GLN D 133 -13.71 -10.20 -14.10
CA GLN D 133 -14.96 -10.93 -14.27
C GLN D 133 -16.12 -10.19 -13.61
N ILE D 134 -17.29 -10.23 -14.21
CA ILE D 134 -18.44 -9.57 -13.62
C ILE D 134 -19.44 -10.65 -13.19
N PRO D 135 -20.34 -10.32 -12.25
CA PRO D 135 -20.46 -9.03 -11.59
C PRO D 135 -19.37 -8.89 -10.54
N HIS D 136 -19.08 -7.67 -10.12
CA HIS D 136 -18.09 -7.48 -9.08
C HIS D 136 -18.35 -6.19 -8.34
N ILE D 137 -17.90 -6.12 -7.09
CA ILE D 137 -18.02 -4.92 -6.30
C ILE D 137 -16.69 -4.25 -6.57
N GLY D 138 -16.70 -2.93 -6.68
CA GLY D 138 -15.45 -2.24 -6.93
C GLY D 138 -15.38 -0.93 -6.16
N ILE D 139 -14.18 -0.55 -5.78
CA ILE D 139 -13.96 0.70 -5.08
C ILE D 139 -13.29 1.62 -6.09
N ASP D 140 -13.98 2.70 -6.47
CA ASP D 140 -13.46 3.65 -7.44
C ASP D 140 -13.08 5.01 -6.87
N VAL D 141 -11.95 5.54 -7.33
CA VAL D 141 -11.48 6.84 -6.88
C VAL D 141 -11.12 7.66 -8.11
N ASN D 142 -11.96 8.64 -8.44
CA ASN D 142 -11.73 9.51 -9.59
C ASN D 142 -11.70 8.77 -10.92
N SER D 143 -11.98 7.49 -10.89
CA SER D 143 -11.94 6.70 -12.11
C SER D 143 -12.81 5.47 -11.97
N VAL D 144 -13.31 5.00 -13.09
CA VAL D 144 -14.15 3.85 -13.09
C VAL D 144 -13.29 2.58 -13.13
N ILE D 145 -11.97 2.77 -13.08
CA ILE D 145 -11.03 1.65 -13.05
C ILE D 145 -10.71 1.41 -11.57
N SER D 146 -11.49 0.51 -10.97
CA SER D 146 -11.41 0.17 -9.55
C SER D 146 -10.02 -0.05 -9.02
N THR D 147 -9.80 0.36 -7.77
CA THR D 147 -8.52 0.18 -7.10
C THR D 147 -8.52 -1.24 -6.53
N LYS D 148 -9.72 -1.73 -6.20
CA LYS D 148 -9.86 -3.06 -5.64
C LYS D 148 -11.20 -3.62 -6.10
N THR D 149 -11.24 -4.90 -6.45
CA THR D 149 -12.50 -5.51 -6.86
C THR D 149 -12.63 -6.89 -6.25
N VAL D 150 -13.87 -7.36 -6.17
CA VAL D 150 -14.14 -8.69 -5.64
C VAL D 150 -15.38 -9.20 -6.38
N PRO D 151 -15.32 -10.44 -6.87
CA PRO D 151 -16.45 -11.02 -7.59
C PRO D 151 -17.60 -11.40 -6.69
N PHE D 152 -18.81 -11.42 -7.26
CA PHE D 152 -19.99 -11.82 -6.51
C PHE D 152 -21.07 -12.31 -7.48
N THR D 153 -21.88 -13.26 -7.02
CA THR D 153 -22.97 -13.79 -7.81
C THR D 153 -24.24 -13.04 -7.44
N LEU D 154 -24.91 -12.47 -8.43
CA LEU D 154 -26.13 -11.71 -8.20
C LEU D 154 -27.38 -12.55 -7.97
N ASP D 155 -28.24 -12.07 -7.08
CA ASP D 155 -29.50 -12.76 -6.83
C ASP D 155 -30.47 -11.99 -7.75
N ASN D 156 -30.65 -12.50 -8.96
CA ASN D 156 -31.52 -11.87 -9.95
C ASN D 156 -32.89 -11.52 -9.39
N GLY D 157 -33.16 -10.21 -9.32
CA GLY D 157 -34.45 -9.76 -8.82
C GLY D 157 -34.60 -9.86 -7.32
N GLY D 158 -33.62 -10.47 -6.65
CA GLY D 158 -33.67 -10.60 -5.21
C GLY D 158 -33.24 -9.29 -4.56
N ILE D 159 -33.30 -9.26 -3.23
CA ILE D 159 -32.91 -8.06 -2.51
C ILE D 159 -31.47 -8.19 -2.03
N ALA D 160 -30.74 -7.08 -2.09
CA ALA D 160 -29.35 -7.04 -1.67
C ALA D 160 -29.19 -5.98 -0.56
N ASN D 161 -28.50 -6.36 0.51
CA ASN D 161 -28.24 -5.47 1.62
C ASN D 161 -26.79 -5.06 1.55
N VAL D 162 -26.56 -3.75 1.59
CA VAL D 162 -25.22 -3.23 1.52
C VAL D 162 -24.92 -2.38 2.74
N VAL D 163 -23.67 -2.44 3.18
CA VAL D 163 -23.22 -1.65 4.33
C VAL D 163 -21.86 -1.07 3.95
N ILE D 164 -21.78 0.24 3.89
CA ILE D 164 -20.51 0.88 3.55
C ILE D 164 -20.13 1.69 4.77
N LYS D 165 -18.91 1.49 5.24
CA LYS D 165 -18.43 2.17 6.43
C LYS D 165 -17.06 2.78 6.18
N TYR D 166 -16.86 3.99 6.68
CA TYR D 166 -15.60 4.70 6.52
C TYR D 166 -15.09 5.13 7.87
N ASP D 167 -13.92 4.63 8.22
CA ASP D 167 -13.29 4.94 9.48
C ASP D 167 -12.17 5.95 9.16
N ALA D 168 -12.37 7.20 9.53
CA ALA D 168 -11.38 8.23 9.26
C ALA D 168 -10.02 7.98 9.90
N SER D 169 -10.01 7.51 11.14
CA SER D 169 -8.77 7.26 11.86
C SER D 169 -7.86 6.26 11.15
N THR D 170 -8.43 5.30 10.41
CA THR D 170 -7.60 4.34 9.70
C THR D 170 -7.69 4.51 8.20
N LYS D 171 -8.61 5.36 7.76
CA LYS D 171 -8.83 5.63 6.35
C LYS D 171 -9.31 4.39 5.63
N ILE D 172 -9.87 3.45 6.39
CA ILE D 172 -10.38 2.24 5.77
C ILE D 172 -11.83 2.39 5.33
N LEU D 173 -12.07 2.10 4.07
CA LEU D 173 -13.41 2.15 3.53
C LEU D 173 -13.76 0.68 3.33
N HIS D 174 -14.67 0.14 4.14
CA HIS D 174 -15.05 -1.26 3.94
C HIS D 174 -16.53 -1.39 3.61
N VAL D 175 -16.83 -2.24 2.63
CA VAL D 175 -18.20 -2.45 2.20
C VAL D 175 -18.58 -3.91 2.31
N VAL D 176 -19.85 -4.14 2.61
CA VAL D 176 -20.36 -5.50 2.75
C VAL D 176 -21.61 -5.64 1.90
N LEU D 177 -21.66 -6.73 1.15
CA LEU D 177 -22.79 -7.02 0.29
C LEU D 177 -23.38 -8.35 0.71
N VAL D 178 -24.65 -8.33 1.11
CA VAL D 178 -25.32 -9.54 1.54
C VAL D 178 -26.62 -9.80 0.78
N PHE D 179 -26.83 -11.05 0.41
CA PHE D 179 -28.02 -11.48 -0.31
C PHE D 179 -28.76 -12.40 0.67
N PRO D 180 -29.62 -11.83 1.53
CA PRO D 180 -30.35 -12.63 2.52
C PRO D 180 -30.98 -13.92 2.01
N SER D 181 -31.59 -13.90 0.84
CA SER D 181 -32.20 -15.11 0.30
C SER D 181 -31.18 -16.21 0.02
N LEU D 182 -29.96 -15.85 -0.34
CA LEU D 182 -28.95 -16.86 -0.64
C LEU D 182 -28.00 -17.06 0.54
N GLY D 183 -28.09 -16.18 1.54
CA GLY D 183 -27.21 -16.28 2.68
C GLY D 183 -25.75 -16.04 2.34
N THR D 184 -25.52 -15.51 1.15
CA THR D 184 -24.15 -15.24 0.69
C THR D 184 -23.64 -13.88 1.19
N ILE D 185 -22.35 -13.82 1.51
CA ILE D 185 -21.74 -12.58 2.00
C ILE D 185 -20.49 -12.26 1.22
N TYR D 186 -20.36 -11.00 0.82
CA TYR D 186 -19.19 -10.54 0.07
C TYR D 186 -18.64 -9.32 0.78
N THR D 187 -17.31 -9.27 0.88
CA THR D 187 -16.68 -8.16 1.57
C THR D 187 -15.44 -7.61 0.82
N ILE D 188 -15.26 -6.30 0.87
CA ILE D 188 -14.12 -5.66 0.23
C ILE D 188 -13.76 -4.39 1.00
N ALA D 189 -12.47 -4.07 1.02
CA ALA D 189 -12.01 -2.87 1.72
C ALA D 189 -10.73 -2.33 1.10
N ASP D 190 -10.51 -1.03 1.25
CA ASP D 190 -9.31 -0.41 0.72
C ASP D 190 -9.06 0.88 1.46
N ILE D 191 -7.84 1.41 1.34
CA ILE D 191 -7.51 2.65 2.03
C ILE D 191 -7.77 3.82 1.09
N VAL D 192 -8.51 4.81 1.60
CA VAL D 192 -8.86 5.99 0.83
C VAL D 192 -8.79 7.21 1.72
N ASP D 193 -8.12 8.24 1.22
CA ASP D 193 -8.00 9.46 1.98
C ASP D 193 -8.96 10.49 1.37
N LEU D 194 -10.16 10.60 1.95
CA LEU D 194 -11.16 11.54 1.45
C LEU D 194 -10.63 12.97 1.35
N LYS D 195 -9.94 13.40 2.40
CA LYS D 195 -9.38 14.74 2.47
C LYS D 195 -8.42 15.01 1.32
N GLN D 196 -7.83 13.94 0.80
CA GLN D 196 -6.88 14.06 -0.28
C GLN D 196 -7.53 14.14 -1.66
N VAL D 197 -8.75 13.63 -1.80
CA VAL D 197 -9.40 13.62 -3.12
C VAL D 197 -10.68 14.42 -3.27
N LEU D 198 -11.34 14.74 -2.15
CA LEU D 198 -12.58 15.47 -2.22
C LEU D 198 -12.59 16.80 -1.45
N PRO D 199 -13.50 17.70 -1.83
CA PRO D 199 -13.62 19.01 -1.17
C PRO D 199 -14.29 18.85 0.20
N GLU D 200 -14.29 19.90 1.01
CA GLU D 200 -14.88 19.84 2.34
C GLU D 200 -16.34 19.42 2.33
N SER D 201 -17.13 20.00 1.43
CA SER D 201 -18.54 19.67 1.33
C SER D 201 -18.80 18.89 0.07
N VAL D 202 -19.66 17.88 0.17
CA VAL D 202 -19.97 17.04 -0.98
C VAL D 202 -21.41 16.59 -1.00
N ASN D 203 -21.76 15.87 -2.06
CA ASN D 203 -23.09 15.30 -2.23
C ASN D 203 -22.90 13.80 -2.18
N VAL D 204 -23.90 13.09 -1.69
CA VAL D 204 -23.81 11.64 -1.65
C VAL D 204 -25.04 11.13 -2.36
N GLY D 205 -24.92 9.98 -3.02
CA GLY D 205 -26.07 9.46 -3.72
C GLY D 205 -25.83 8.22 -4.55
N PHE D 206 -26.76 7.95 -5.46
CA PHE D 206 -26.67 6.79 -6.33
C PHE D 206 -26.70 7.19 -7.79
N SER D 207 -26.16 6.32 -8.61
CA SER D 207 -26.17 6.55 -10.04
C SER D 207 -26.12 5.18 -10.72
N ALA D 208 -26.87 5.03 -11.80
CA ALA D 208 -26.89 3.77 -12.51
C ALA D 208 -26.99 4.03 -14.00
N ALA D 209 -26.86 2.97 -14.79
CA ALA D 209 -26.91 3.10 -16.23
C ALA D 209 -27.16 1.76 -16.92
N THR D 210 -27.90 1.80 -18.02
CA THR D 210 -28.17 0.58 -18.78
C THR D 210 -27.35 0.63 -20.06
N GLY D 211 -27.40 -0.45 -20.83
CA GLY D 211 -26.65 -0.51 -22.07
C GLY D 211 -26.64 0.76 -22.91
N ASP D 212 -25.44 1.12 -23.36
CA ASP D 212 -25.20 2.29 -24.21
C ASP D 212 -25.61 1.91 -25.64
N PRO D 213 -26.22 2.85 -26.38
CA PRO D 213 -26.65 2.59 -27.76
C PRO D 213 -25.51 2.09 -28.67
N SER D 214 -24.31 2.62 -28.47
CA SER D 214 -23.18 2.22 -29.30
C SER D 214 -22.89 0.72 -29.23
N GLY D 215 -23.41 0.05 -28.20
CA GLY D 215 -23.22 -1.38 -28.06
C GLY D 215 -24.16 -2.12 -28.99
N LYS D 216 -25.10 -1.38 -29.56
CA LYS D 216 -26.10 -1.91 -30.49
C LYS D 216 -26.84 -3.15 -29.99
N GLN D 217 -27.08 -3.19 -28.68
CA GLN D 217 -27.78 -4.31 -28.06
C GLN D 217 -28.85 -3.79 -27.10
N ARG D 218 -30.10 -3.81 -27.54
CA ARG D 218 -31.18 -3.34 -26.69
C ARG D 218 -31.39 -4.24 -25.47
N ASN D 219 -30.95 -5.49 -25.54
CA ASN D 219 -31.09 -6.41 -24.41
C ASN D 219 -30.10 -6.07 -23.30
N ALA D 220 -29.07 -5.29 -23.64
CA ALA D 220 -28.07 -4.89 -22.66
C ALA D 220 -28.70 -3.96 -21.63
N THR D 221 -29.52 -4.51 -20.74
CA THR D 221 -30.18 -3.68 -19.74
C THR D 221 -30.61 -4.47 -18.52
N GLU D 222 -31.10 -3.75 -17.53
CA GLU D 222 -31.55 -4.35 -16.29
C GLU D 222 -32.15 -3.23 -15.44
N THR D 223 -32.68 -3.58 -14.28
CA THR D 223 -33.25 -2.58 -13.38
C THR D 223 -32.18 -2.21 -12.37
N HIS D 224 -32.35 -1.05 -11.74
CA HIS D 224 -31.42 -0.57 -10.73
C HIS D 224 -32.26 0.13 -9.68
N ASP D 225 -32.95 -0.67 -8.89
CA ASP D 225 -33.84 -0.13 -7.87
C ASP D 225 -33.23 -0.04 -6.48
N ILE D 226 -33.49 1.09 -5.82
CA ILE D 226 -33.03 1.32 -4.46
C ILE D 226 -34.27 1.21 -3.57
N LEU D 227 -34.25 0.28 -2.62
CA LEU D 227 -35.40 0.08 -1.75
C LEU D 227 -35.44 0.96 -0.50
N SER D 228 -34.31 1.10 0.19
CA SER D 228 -34.23 1.92 1.39
C SER D 228 -32.82 2.49 1.52
N TRP D 229 -32.65 3.51 2.35
CA TRP D 229 -31.33 4.14 2.47
C TRP D 229 -31.17 4.97 3.72
N SER D 230 -30.10 4.69 4.48
CA SER D 230 -29.79 5.43 5.69
C SER D 230 -28.34 5.88 5.59
N PHE D 231 -28.06 7.06 6.13
CA PHE D 231 -26.71 7.63 6.08
C PHE D 231 -26.39 8.35 7.40
N SER D 232 -25.16 8.23 7.86
CA SER D 232 -24.77 8.89 9.09
C SER D 232 -23.30 9.30 9.00
N ALA D 233 -23.00 10.53 9.39
CA ALA D 233 -21.63 11.03 9.31
C ALA D 233 -21.28 11.84 10.55
N SER D 234 -20.04 11.69 11.02
CA SER D 234 -19.57 12.40 12.21
C SER D 234 -18.29 13.14 11.93
N LEU D 235 -18.33 14.46 12.10
CA LEU D 235 -17.17 15.31 11.91
C LEU D 235 -16.81 15.83 13.31
N PRO D 236 -15.85 15.19 13.99
CA PRO D 236 -15.45 15.63 15.33
C PRO D 236 -15.13 17.12 15.44
N GLY D 237 -15.04 17.80 14.29
CA GLY D 237 -14.72 19.22 14.24
C GLY D 237 -15.66 20.19 14.95
C1 NAG E . 26.27 30.43 -32.12
C2 NAG E . 26.55 31.79 -31.46
C3 NAG E . 27.90 32.33 -31.96
C4 NAG E . 28.99 31.30 -31.67
C5 NAG E . 28.62 29.97 -32.31
C6 NAG E . 29.62 28.89 -32.00
C7 NAG E . 24.58 33.10 -30.90
C8 NAG E . 25.00 33.25 -29.43
N2 NAG E . 25.50 32.74 -31.80
O3 NAG E . 28.20 33.57 -31.30
O4 NAG E . 30.25 31.76 -32.21
O5 NAG E . 27.34 29.52 -31.81
O6 NAG E . 29.93 28.86 -30.62
O7 NAG E . 23.41 33.35 -31.22
C1 FUC E . 27.70 34.71 -31.93
C2 FUC E . 27.98 35.96 -31.07
C3 FUC E . 29.49 36.32 -31.08
C4 FUC E . 30.04 36.37 -32.51
C5 FUC E . 29.66 35.10 -33.28
C6 FUC E . 30.05 35.16 -34.75
O2 FUC E . 27.57 35.70 -29.73
O3 FUC E . 29.68 37.59 -30.47
O4 FUC E . 29.54 37.51 -33.19
O5 FUC E . 28.23 34.88 -33.24
C1 NAG E . 31.30 31.81 -31.30
C2 NAG E . 32.62 31.98 -32.07
C3 NAG E . 33.79 32.19 -31.09
C4 NAG E . 33.47 33.32 -30.11
C5 NAG E . 32.12 33.06 -29.42
C6 NAG E . 31.68 34.17 -28.49
C7 NAG E . 32.50 30.82 -34.17
C8 NAG E . 33.51 30.30 -35.18
N2 NAG E . 32.86 30.81 -32.89
O3 NAG E . 34.96 32.51 -31.82
O4 NAG E . 34.51 33.40 -29.13
O5 NAG E . 31.09 32.93 -30.43
O6 NAG E . 30.27 34.14 -28.27
O7 NAG E . 31.41 31.25 -34.55
C1 NAG F . 12.86 20.65 -40.25
C2 NAG F . 12.71 21.52 -41.51
C3 NAG F . 11.51 21.00 -42.30
C4 NAG F . 11.84 19.55 -42.73
C5 NAG F . 11.96 18.75 -41.43
C6 NAG F . 12.26 17.29 -41.65
C7 NAG F . 13.48 23.80 -41.37
C8 NAG F . 13.09 25.26 -41.32
N2 NAG F . 12.51 22.91 -41.15
O3 NAG F . 11.17 21.86 -43.42
O4 NAG F . 10.80 19.02 -43.59
O5 NAG F . 13.03 19.27 -40.61
O6 NAG F . 12.94 16.74 -40.54
O7 NAG F . 14.64 23.47 -41.62
C1 FUC F . 11.75 21.63 -44.68
C2 FUC F . 10.82 22.13 -45.81
C3 FUC F . 10.90 23.66 -46.02
C4 FUC F . 12.34 24.18 -46.01
C5 FUC F . 13.07 23.65 -44.78
C6 FUC F . 14.52 24.07 -44.73
O2 FUC F . 9.48 21.78 -45.51
O3 FUC F . 10.29 23.99 -47.26
O4 FUC F . 13.02 23.76 -47.19
O5 FUC F . 13.05 22.20 -44.80
C1 NAG F . 11.23 18.20 -44.64
C2 NAG F . 10.01 17.74 -45.48
C3 NAG F . 10.48 16.98 -46.73
C4 NAG F . 11.53 17.79 -47.51
C5 NAG F . 12.67 18.19 -46.57
C6 NAG F . 13.70 19.06 -47.27
C7 NAG F . 8.58 17.33 -43.57
C8 NAG F . 8.82 16.52 -42.30
N2 NAG F . 9.14 16.88 -44.69
O3 NAG F . 9.37 16.70 -47.57
O4 NAG F . 12.03 17.00 -48.58
O5 NAG F . 12.14 18.96 -45.46
O6 NAG F . 13.21 20.39 -47.46
O7 NAG F . 7.89 18.36 -43.53
C1 GLC G . 5.16 33.52 -32.03
C2 GLC G . 6.35 33.33 -33.00
C3 GLC G . 7.04 31.99 -32.70
C4 GLC G . 7.48 31.95 -31.23
C5 GLC G . 6.25 32.22 -30.33
C6 GLC G . 6.54 32.25 -28.85
O1 GLC G . 4.25 32.49 -32.18
O2 GLC G . 5.89 33.34 -34.35
O3 GLC G . 8.17 31.84 -33.55
O4 GLC G . 8.09 30.67 -30.93
O5 GLC G . 5.64 33.49 -30.67
O6 GLC G . 5.41 31.83 -28.10
C1 GAL G . 8.58 30.45 -29.65
C2 GAL G . 9.40 29.16 -29.56
C3 GAL G . 10.00 29.00 -28.15
C4 GAL G . 10.65 30.30 -27.62
C5 GAL G . 9.74 31.51 -27.87
C6 GAL G . 10.37 32.83 -27.48
O2 GAL G . 8.55 28.06 -29.83
O3 GAL G . 10.98 27.94 -28.08
O4 GAL G . 11.90 30.50 -28.25
O5 GAL G . 9.38 31.58 -29.25
O6 GAL G . 9.92 33.25 -26.20
C1 GLA G . 11.16 27.06 -29.15
C2 GLA G . 10.74 25.64 -28.73
C3 GLA G . 11.67 25.16 -27.60
C4 GLA G . 13.13 25.22 -28.07
C5 GLA G . 13.50 26.60 -28.63
C6 GLA G . 14.85 26.61 -29.33
O2 GLA G . 9.39 25.64 -28.30
O3 GLA G . 11.33 23.84 -27.23
O4 GLA G . 13.37 24.24 -29.07
O5 GLA G . 12.51 27.05 -29.60
O6 GLA G . 15.31 27.92 -29.60
C1 NAG H . 38.16 -17.00 10.84
C2 NAG H . 38.01 -18.32 10.07
C3 NAG H . 39.38 -18.94 9.78
C4 NAG H . 40.37 -17.93 9.18
C5 NAG H . 40.33 -16.60 9.94
C6 NAG H . 41.09 -15.54 9.18
C7 NAG H . 36.12 -19.84 10.36
C8 NAG H . 36.06 -20.19 8.87
N2 NAG H . 37.23 -19.27 10.85
O3 NAG H . 39.22 -20.04 8.85
O4 NAG H . 41.71 -18.48 9.23
O5 NAG H . 38.97 -16.12 10.07
O6 NAG H . 40.65 -15.48 7.83
O7 NAG H . 35.16 -20.12 11.08
C1 FUC H . 38.98 -21.32 9.40
C2 FUC H . 39.64 -22.40 8.52
C3 FUC H . 41.16 -22.40 8.68
C4 FUC H . 41.53 -22.50 10.16
C5 FUC H . 40.86 -21.36 10.93
C6 FUC H . 41.14 -21.36 12.42
O2 FUC H . 39.32 -22.17 7.15
O3 FUC H . 41.72 -23.50 7.97
O4 FUC H . 41.06 -23.74 10.67
O5 FUC H . 39.42 -21.45 10.76
C1 NAG H . 42.43 -18.51 8.03
C2 NAG H . 43.91 -18.82 8.32
C3 NAG H . 44.71 -19.13 7.04
C4 NAG H . 43.96 -20.07 6.08
C5 NAG H . 42.50 -19.60 5.91
C6 NAG H . 41.66 -20.51 5.05
C7 NAG H . 44.98 -17.78 10.21
C8 NAG H . 46.48 -17.66 10.39
N2 NAG H . 44.51 -17.67 8.97
O3 NAG H . 45.95 -19.73 7.38
O4 NAG H . 44.62 -20.08 4.79
O5 NAG H . 41.86 -19.52 7.20
O6 NAG H . 40.28 -20.35 5.33
O7 NAG H . 44.25 -17.96 11.18
C1 NAG I . 31.22 -8.58 25.61
C2 NAG I . 32.00 -9.56 26.49
C3 NAG I . 31.77 -9.28 27.98
C4 NAG I . 32.06 -7.82 28.33
C5 NAG I . 31.23 -6.91 27.39
C6 NAG I . 31.57 -5.43 27.56
C7 NAG I . 32.43 -11.79 25.64
C8 NAG I . 31.85 -13.12 25.19
N2 NAG I . 31.57 -10.92 26.19
O3 NAG I . 32.64 -10.12 28.76
O4 NAG I . 31.71 -7.60 29.73
O5 NAG I . 31.51 -7.22 26.00
O6 NAG I . 30.40 -4.62 27.61
O7 NAG I . 33.62 -11.55 25.50
C1 FUC I . 32.09 -11.30 29.23
C2 FUC I . 33.18 -12.10 29.92
C3 FUC I . 33.66 -11.34 31.15
C4 FUC I . 32.47 -11.06 32.09
C5 FUC I . 31.37 -10.32 31.32
C6 FUC I . 30.10 -10.11 32.13
O2 FUC I . 34.26 -12.29 29.02
O3 FUC I . 34.65 -12.09 31.83
O4 FUC I . 31.96 -12.27 32.62
O5 FUC I . 31.00 -11.05 30.13
C1 NDG I . 32.00 -6.36 30.30
C2 NDG I . 33.06 -6.45 31.43
C3 NDG I . 32.50 -6.55 32.89
C4 NDG I . 31.10 -5.93 33.07
C5 NDG I . 30.21 -6.32 31.89
C6 NDG I . 28.77 -5.82 32.02
C7 NDG I . 35.11 -7.48 30.67
C8 NDG I . 35.29 -7.90 29.22
O5 NDG I . 30.77 -5.73 30.71
O3 NDG I . 33.40 -5.92 33.80
O4 NDG I . 30.52 -6.40 34.30
O6 NDG I . 27.94 -6.39 31.00
O7 NDG I . 36.07 -7.05 31.30
N2 NDG I . 33.90 -7.61 31.21
C1 GLC J . 20.12 -21.44 21.24
C2 GLC J . 21.52 -20.94 21.60
C3 GLC J . 21.70 -19.49 21.12
C4 GLC J . 21.40 -19.41 19.62
C5 GLC J . 19.97 -19.92 19.39
C6 GLC J . 19.55 -19.90 17.93
O1 GLC J . 19.15 -20.74 21.94
O2 GLC J . 21.71 -21.00 23.01
O3 GLC J . 23.03 -19.06 21.37
O4 GLC J . 21.55 -18.05 19.16
O5 GLC J . 19.87 -21.29 19.83
O6 GLC J . 20.20 -20.92 17.18
C1 GAL J . 21.66 -17.84 17.78
C2 GAL J . 22.26 -16.45 17.49
C3 GAL J . 22.37 -16.26 15.98
C4 GAL J . 23.05 -17.46 15.27
C5 GAL J . 22.45 -18.80 15.77
C6 GAL J . 23.14 -20.06 15.23
O2 GAL J . 21.42 -15.45 18.02
O3 GAL J . 23.05 -15.03 15.62
O4 GAL J . 24.45 -17.41 15.48
O5 GAL J . 22.49 -18.86 17.21
O6 GAL J . 22.20 -21.12 15.07
C1 GLA J . 23.69 -14.23 16.59
C2 GLA J . 23.21 -12.78 16.45
C3 GLA J . 23.54 -12.30 15.04
C4 GLA J . 25.05 -12.40 14.76
C5 GLA J . 25.57 -13.82 15.10
C6 GLA J . 27.08 -13.91 15.11
O2 GLA J . 21.82 -12.70 16.67
O3 GLA J . 23.07 -10.97 14.87
O4 GLA J . 25.77 -11.43 15.52
O5 GLA J . 25.12 -14.24 16.41
O6 GLA J . 27.54 -15.13 14.54
C1 NAG K . -29.06 -17.84 38.25
C2 NAG K . -29.84 -16.79 39.03
C3 NAG K . -31.19 -17.35 39.50
C4 NAG K . -31.98 -17.97 38.35
C5 NAG K . -31.09 -18.97 37.59
C6 NAG K . -31.77 -19.52 36.35
C7 NAG K . -28.39 -15.21 40.14
C8 NAG K . -29.20 -13.93 40.02
N2 NAG K . -29.06 -16.36 40.17
O3 NAG K . -31.97 -16.29 40.06
O4 NAG K . -33.14 -18.66 38.88
O5 NAG K . -29.87 -18.32 37.16
O6 NAG K . -31.82 -18.55 35.32
O7 NAG K . -27.16 -15.15 40.25
C1 FUC K . -31.77 -16.04 41.43
C2 FUC K . -32.45 -14.73 41.81
C3 FUC K . -33.98 -14.91 41.75
C4 FUC K . -34.39 -16.07 42.66
C5 FUC K . -33.64 -17.34 42.22
C6 FUC K . -33.93 -18.52 43.12
O2 FUC K . -32.07 -13.72 40.88
O3 FUC K . -34.65 -13.72 42.14
O4 FUC K . -34.04 -15.76 44.01
O5 FUC K . -32.23 -17.11 42.26
C1 NAG K . -34.36 -18.31 38.32
C2 NAG K . -35.45 -19.30 38.76
C3 NAG K . -36.81 -18.86 38.21
C4 NAG K . -37.10 -17.39 38.52
C5 NAG K . -35.91 -16.50 38.18
C6 NAG K . -36.09 -15.08 38.67
C7 NAG K . -34.42 -21.47 39.02
C8 NAG K . -33.81 -22.66 38.30
N2 NAG K . -35.14 -20.63 38.27
O3 NAG K . -37.83 -19.68 38.76
O4 NAG K . -38.26 -16.96 37.80
O5 NAG K . -34.70 -17.00 38.78
O6 NAG K . -36.00 -14.16 37.61
O7 NAG K . -34.23 -21.30 40.22
C1 NAG L . -11.61 -25.02 37.25
C2 NAG L . -11.67 -25.52 38.70
C3 NAG L . -10.37 -26.22 39.15
C4 NAG L . -9.65 -27.02 38.04
C5 NAG L . -9.73 -26.31 36.69
C6 NAG L . -9.16 -27.12 35.55
C7 NAG L . -12.81 -24.45 40.55
C8 NAG L . -12.40 -23.85 41.89
N2 NAG L . -11.91 -24.38 39.57
O3 NAG L . -10.70 -27.15 40.20
O4 NAG L . -8.27 -27.23 38.40
O5 NAG L . -11.09 -26.03 36.38
O6 NAG L . -7.92 -26.57 35.09
O7 NAG L . -13.91 -24.98 40.43
C1 NAG L . -7.77 -28.50 38.21
C2 NAG L . -6.24 -28.51 38.30
C3 NAG L . -5.77 -29.93 37.96
C4 NAG L . -6.38 -30.91 38.97
C5 NAG L . -7.93 -30.74 39.07
C6 NAG L . -8.54 -31.46 40.25
C7 NAG L . -5.09 -26.43 37.90
C8 NAG L . -5.90 -25.14 37.84
N2 NAG L . -5.65 -27.54 37.39
O3 NAG L . -4.35 -29.98 38.01
O4 NAG L . -6.06 -32.25 38.59
O5 NAG L . -8.30 -29.34 39.24
O6 NAG L . -9.44 -30.61 40.97
O7 NAG L . -3.97 -26.42 38.41
C1 GLC M . -9.73 -9.63 43.96
C2 GLC M . -10.62 -10.83 44.28
C3 GLC M . -11.21 -11.43 43.01
C4 GLC M . -11.92 -10.35 42.17
C5 GLC M . -11.00 -9.12 41.97
C6 GLC M . -11.71 -7.93 41.33
O1 GLC M . -8.67 -10.01 43.17
O2 GLC M . -9.86 -11.82 44.97
O3 GLC M . -12.13 -12.45 43.34
O4 GLC M . -12.28 -10.92 40.88
O5 GLC M . -10.50 -8.64 43.24
O6 GLC M . -12.15 -6.93 42.27
C1 GAL M . -12.99 -10.16 39.95
C2 GAL M . -13.37 -11.00 38.73
C3 GAL M . -14.20 -10.16 37.73
C4 GAL M . -15.33 -9.37 38.43
C5 GAL M . -14.84 -8.69 39.72
C6 GAL M . -15.96 -8.06 40.52
O2 GAL M . -12.18 -11.46 38.09
O3 GAL M . -14.77 -10.98 36.69
O4 GAL M . -16.43 -10.23 38.72
O5 GAL M . -14.17 -9.64 40.56
O6 GAL M . -15.80 -6.65 40.61
C1 GLA M . -14.44 -12.34 36.59
C2 GLA M . -13.67 -12.59 35.28
C3 GLA M . -14.57 -12.24 34.10
C4 GLA M . -15.86 -13.06 34.16
C5 GLA M . -16.53 -12.87 35.52
C6 GLA M . -17.74 -13.74 35.75
O2 GLA M . -12.49 -11.81 35.26
O3 GLA M . -13.89 -12.50 32.88
O4 GLA M . -15.56 -14.44 33.97
O5 GLA M . -15.61 -13.16 36.59
O6 GLA M . -18.25 -13.56 37.06
C1 NAG N . -32.80 -10.47 -26.67
C2 NAG N . -32.19 -11.69 -27.36
C3 NAG N . -33.33 -12.63 -27.79
C4 NAG N . -34.20 -12.99 -26.59
C5 NAG N . -34.69 -11.71 -25.89
C6 NAG N . -35.45 -12.00 -24.60
C7 NAG N . -30.13 -10.98 -28.44
C8 NAG N . -29.18 -11.98 -27.79
N2 NAG N . -31.42 -11.30 -28.53
O3 NAG N . -32.80 -13.81 -28.42
O4 NAG N . -35.34 -13.76 -27.05
O5 NAG N . -33.57 -10.87 -25.53
O6 NAG N . -34.64 -12.68 -23.67
O7 NAG N . -29.68 -9.92 -28.88
C1 FUC N . -32.72 -13.75 -29.83
C2 FUC N . -32.43 -15.15 -30.41
C3 FUC N . -33.65 -16.06 -30.21
C4 FUC N . -34.93 -15.41 -30.75
C5 FUC N . -35.11 -13.98 -30.20
C6 FUC N . -36.25 -13.23 -30.86
O2 FUC N . -31.29 -15.72 -29.79
O3 FUC N . -33.42 -17.30 -30.88
O4 FUC N . -34.91 -15.37 -32.17
O5 FUC N . -33.90 -13.20 -30.42
C1 NAG N . -35.79 -14.80 -26.24
C2 NAG N . -37.14 -15.32 -26.80
C3 NAG N . -37.55 -16.61 -26.07
C4 NAG N . -36.42 -17.63 -26.10
C5 NAG N . -35.18 -16.99 -25.48
C6 NAG N . -33.98 -17.93 -25.42
C7 NAG N . -38.11 -13.15 -27.30
C8 NAG N . -38.21 -11.89 -26.47
N2 NAG N . -38.18 -14.32 -26.65
O3 NAG N . -38.71 -17.16 -26.69
O4 NAG N . -36.81 -18.81 -25.36
O5 NAG N . -34.80 -15.84 -26.26
O6 NAG N . -33.14 -17.79 -26.55
O7 NAG N . -37.97 -13.07 -28.53
C1 NAG O . -29.90 7.92 -26.04
C2 NAG O . -30.59 8.38 -27.31
C3 NAG O . -30.17 9.82 -27.63
C4 NAG O . -30.48 10.73 -26.43
C5 NAG O . -29.84 10.15 -25.15
C6 NAG O . -30.28 10.92 -23.92
C7 NAG O . -31.18 6.82 -29.05
C8 NAG O . -31.89 7.54 -30.20
N2 NAG O . -30.23 7.50 -28.40
O3 NAG O . -30.88 10.30 -28.80
O4 NAG O . -29.92 12.03 -26.70
O5 NAG O . -30.25 8.78 -24.95
O6 NAG O . -29.25 11.78 -23.46
O7 NAG O . -31.50 5.68 -28.75
C1 FUC O . -30.10 10.52 -29.96
C2 FUC O . -31.00 11.09 -31.07
C3 FUC O . -31.55 12.45 -30.63
C4 FUC O . -30.42 13.41 -30.23
C5 FUC O . -29.42 12.74 -29.26
C6 FUC O . -28.14 13.53 -29.01
O2 FUC O . -32.06 10.20 -31.34
O3 FUC O . -32.31 13.02 -31.68
O4 FUC O . -29.75 13.88 -31.40
O5 FUC O . -29.02 11.43 -29.74
C1 NAG O . -30.61 13.16 -26.28
C2 NAG O . -29.64 14.33 -26.31
C3 NAG O . -30.36 15.65 -25.98
C4 NAG O . -31.55 15.83 -26.93
C5 NAG O . -32.45 14.58 -26.88
C6 NAG O . -33.62 14.67 -27.86
C7 NAG O . -27.43 14.74 -25.42
C8 NAG O . -26.26 13.98 -26.02
N2 NAG O . -28.59 14.09 -25.33
O3 NAG O . -29.45 16.74 -26.13
O4 NAG O . -32.31 17.00 -26.55
O5 NAG O . -31.68 13.39 -27.21
O6 NAG O . -33.83 13.43 -28.53
O7 NAG O . -27.29 15.91 -25.04
CA CA P . 11.99 22.31 -22.02
MN MN Q . 10.68 20.26 -17.97
CA CA R . 20.71 -9.15 10.31
MN MN S . 17.68 -6.97 7.52
CA CA T . -14.25 -9.29 28.29
MN MN U . -13.24 -6.84 24.53
CA CA V . -18.37 -2.32 -16.27
MN MN W . -15.53 -2.53 -12.84
#